data_4DU6
#
_entry.id   4DU6
#
_cell.length_a   174.047
_cell.length_b   104.912
_cell.length_c   70.070
_cell.angle_alpha   90.00
_cell.angle_beta   96.89
_cell.angle_gamma   90.00
#
_symmetry.space_group_name_H-M   'C 1 2 1'
#
loop_
_entity.id
_entity.type
_entity.pdbx_description
1 polymer 'GTP cyclohydrolase 1'
2 non-polymer "GUANOSINE-5'-TRIPHOSPHATE"
3 non-polymer GLYCEROL
4 non-polymer DI(HYDROXYETHYL)ETHER
5 non-polymer 2-AMINO-2-HYDROXYMETHYL-PROPANE-1,3-DIOL
6 non-polymer 'CALCIUM ION'
7 water water
#
_entity_poly.entity_id   1
_entity_poly.type   'polypeptide(L)'
_entity_poly.pdbx_seq_one_letter_code
;SNAMSSLSKEAELVHQALLARGLETPLRKPELDAETRKTRIQAHMTEVMHLLNLDLTDDSLADTPRRIAKMYVDEIFSGL
DYENFPKITLIQNKMKVDEMVTVRDITLTSTCEHHFVTIDGKATVAYIPKDSVIGLSKINRIVQFFAQRPQVQERLTQQI
LLALQTLLGTNNVAVSIDAVHYCVKARGIRDATSATTTTSLGGLFKSSQNTRQEFLRAVRHHG
;
_entity_poly.pdbx_strand_id   A,B,C,D,E
#
# COMPACT_ATOMS: atom_id res chain seq x y z
N SER A 5 20.17 33.80 -28.20
CA SER A 5 19.93 35.06 -28.92
C SER A 5 18.45 35.19 -29.28
N SER A 6 17.84 34.11 -29.76
CA SER A 6 16.44 34.08 -30.12
C SER A 6 15.66 33.29 -29.08
N LEU A 7 16.39 32.81 -28.08
CA LEU A 7 15.83 32.07 -26.94
C LEU A 7 15.37 33.04 -25.87
N SER A 8 14.46 32.54 -25.02
CA SER A 8 13.98 33.28 -23.85
C SER A 8 15.07 33.30 -22.81
N LYS A 9 14.99 34.20 -21.84
CA LYS A 9 16.04 34.20 -20.83
C LYS A 9 16.09 32.87 -20.01
N GLU A 10 14.91 32.34 -19.66
CA GLU A 10 14.79 31.06 -18.97
C GLU A 10 15.42 29.89 -19.73
N ALA A 11 15.13 29.82 -21.03
CA ALA A 11 15.62 28.75 -21.91
C ALA A 11 17.13 28.80 -22.03
N GLU A 12 17.66 30.02 -22.09
CA GLU A 12 19.09 30.20 -22.21
C GLU A 12 19.77 29.83 -20.88
N LEU A 13 19.18 30.26 -19.77
CA LEU A 13 19.75 29.91 -18.48
C LEU A 13 19.86 28.35 -18.30
N VAL A 14 18.80 27.64 -18.68
CA VAL A 14 18.69 26.19 -18.52
C VAL A 14 19.68 25.47 -19.47
N HIS A 15 19.70 25.87 -20.75
CA HIS A 15 20.57 25.27 -21.76
C HIS A 15 22.04 25.40 -21.36
N GLN A 16 22.42 26.56 -20.84
CA GLN A 16 23.81 26.79 -20.43
C GLN A 16 24.19 25.98 -19.21
N ALA A 17 23.24 25.87 -18.26
CA ALA A 17 23.45 25.04 -17.08
C ALA A 17 23.67 23.58 -17.44
N LEU A 18 22.82 23.04 -18.32
CA LEU A 18 22.99 21.67 -18.80
C LEU A 18 24.33 21.49 -19.50
N LEU A 19 24.74 22.48 -20.30
CA LEU A 19 26.04 22.38 -21.00
C LEU A 19 27.21 22.45 -20.05
N ALA A 20 27.15 23.31 -19.05
CA ALA A 20 28.25 23.37 -18.09
C ALA A 20 28.31 22.12 -17.20
N ARG A 21 27.18 21.44 -17.04
CA ARG A 21 27.13 20.23 -16.20
C ARG A 21 27.62 19.01 -16.96
N GLY A 22 27.54 19.09 -18.29
CA GLY A 22 27.96 18.00 -19.18
C GLY A 22 26.77 17.14 -19.55
N LEU A 23 25.59 17.72 -19.42
CA LEU A 23 24.36 16.96 -19.40
C LEU A 23 23.49 17.18 -20.62
N GLU A 24 23.88 18.10 -21.50
CA GLU A 24 22.99 18.38 -22.62
C GLU A 24 22.90 17.15 -23.54
N THR A 25 21.74 16.96 -24.16
CA THR A 25 21.57 15.98 -25.23
C THR A 25 22.59 16.32 -26.34
N PRO A 26 23.33 15.32 -26.84
CA PRO A 26 24.38 15.50 -27.89
C PRO A 26 23.82 16.15 -29.16
N LEU A 27 24.03 17.46 -29.29
CA LEU A 27 23.47 18.24 -30.39
C LEU A 27 24.58 18.89 -31.22
N ARG A 28 24.32 19.11 -32.50
CA ARG A 28 25.18 19.94 -33.36
C ARG A 28 24.43 21.20 -33.75
N LYS A 29 25.10 22.11 -34.45
CA LYS A 29 24.41 23.32 -34.90
C LYS A 29 23.72 23.12 -36.25
N PRO A 30 22.45 23.54 -36.37
CA PRO A 30 21.71 23.32 -37.61
C PRO A 30 22.17 24.24 -38.74
N GLU A 31 22.61 23.62 -39.84
CA GLU A 31 23.01 24.32 -41.05
C GLU A 31 21.81 24.57 -41.97
N LEU A 32 20.72 23.88 -41.73
CA LEU A 32 19.51 23.96 -42.56
C LEU A 32 18.29 24.30 -41.74
N ASP A 33 17.39 25.11 -42.32
CA ASP A 33 16.14 25.41 -41.63
C ASP A 33 15.28 24.13 -41.43
N ALA A 34 14.29 24.22 -40.55
CA ALA A 34 13.49 23.05 -40.17
C ALA A 34 12.72 22.48 -41.35
N GLU A 35 12.19 23.38 -42.20
CA GLU A 35 11.40 22.97 -43.34
C GLU A 35 12.25 22.16 -44.31
N THR A 36 13.50 22.55 -44.47
CA THR A 36 14.36 21.84 -45.38
C THR A 36 14.68 20.46 -44.81
N ARG A 37 14.98 20.40 -43.51
CA ARG A 37 15.29 19.12 -42.87
C ARG A 37 14.09 18.17 -42.88
N LYS A 38 12.87 18.69 -42.75
CA LYS A 38 11.69 17.84 -42.91
C LYS A 38 11.68 17.25 -44.31
N THR A 39 11.84 18.11 -45.32
CA THR A 39 11.82 17.67 -46.71
C THR A 39 12.83 16.56 -47.00
N ARG A 40 14.01 16.69 -46.40
CA ARG A 40 15.09 15.71 -46.60
C ARG A 40 14.88 14.45 -45.79
N ILE A 41 14.31 14.59 -44.59
CA ILE A 41 14.01 13.43 -43.77
C ILE A 41 12.91 12.64 -44.45
N GLN A 42 11.95 13.34 -45.04
CA GLN A 42 10.91 12.70 -45.84
C GLN A 42 11.52 11.92 -47.01
N ALA A 43 12.56 12.46 -47.63
CA ALA A 43 13.21 11.74 -48.73
C ALA A 43 13.90 10.48 -48.24
N HIS A 44 14.71 10.60 -47.20
CA HIS A 44 15.34 9.42 -46.59
C HIS A 44 14.32 8.37 -46.14
N MET A 45 13.19 8.80 -45.58
CA MET A 45 12.26 7.81 -45.03
C MET A 45 11.47 7.15 -46.14
N THR A 46 11.32 7.88 -47.25
CA THR A 46 10.73 7.30 -48.45
C THR A 46 11.58 6.10 -48.91
N GLU A 47 12.90 6.27 -48.94
CA GLU A 47 13.82 5.18 -49.32
C GLU A 47 13.80 3.96 -48.38
N VAL A 48 13.75 4.23 -47.07
CA VAL A 48 13.64 3.19 -46.05
C VAL A 48 12.42 2.30 -46.30
N MET A 49 11.31 2.92 -46.67
CA MET A 49 10.11 2.15 -46.98
C MET A 49 10.31 1.27 -48.21
N HIS A 50 10.84 1.84 -49.27
CA HIS A 50 11.24 1.05 -50.44
C HIS A 50 12.12 -0.12 -50.04
N LEU A 51 13.11 0.16 -49.21
CA LEU A 51 14.04 -0.87 -48.74
C LEU A 51 13.35 -1.90 -47.84
N LEU A 52 12.16 -1.59 -47.32
CA LEU A 52 11.42 -2.57 -46.53
C LEU A 52 10.48 -3.38 -47.41
N ASN A 53 10.55 -3.11 -48.73
CA ASN A 53 9.72 -3.75 -49.76
C ASN A 53 8.24 -3.36 -49.73
N LEU A 54 7.94 -2.27 -49.06
CA LEU A 54 6.57 -1.78 -48.92
C LEU A 54 6.13 -1.08 -50.20
N ASP A 55 4.84 -1.14 -50.50
CA ASP A 55 4.28 -0.53 -51.71
C ASP A 55 3.72 0.86 -51.43
N LEU A 56 4.53 1.88 -51.71
CA LEU A 56 4.16 3.24 -51.38
C LEU A 56 2.97 3.83 -52.17
N THR A 57 2.59 3.18 -53.27
CA THR A 57 1.40 3.61 -54.04
C THR A 57 0.08 3.33 -53.29
N ASP A 58 0.13 2.52 -52.25
CA ASP A 58 -1.03 2.24 -51.42
C ASP A 58 -1.45 3.51 -50.71
N ASP A 59 -2.74 3.87 -50.78
N ASP A 59 -2.75 3.82 -50.79
CA ASP A 59 -3.19 5.15 -50.22
CA ASP A 59 -3.30 5.04 -50.22
C ASP A 59 -2.91 5.27 -48.71
C ASP A 59 -2.96 5.23 -48.73
N SER A 60 -2.92 4.14 -48.00
CA SER A 60 -2.63 4.19 -46.57
C SER A 60 -1.16 4.54 -46.28
N LEU A 61 -0.27 4.24 -47.22
N LEU A 61 -0.28 4.23 -47.24
CA LEU A 61 1.17 4.32 -47.01
CA LEU A 61 1.16 4.29 -47.05
C LEU A 61 1.85 5.52 -47.66
C LEU A 61 1.84 5.53 -47.65
N ALA A 62 1.20 6.10 -48.67
CA ALA A 62 1.82 7.17 -49.48
C ALA A 62 2.35 8.38 -48.70
N ASP A 63 1.59 8.84 -47.72
CA ASP A 63 2.01 10.03 -46.97
C ASP A 63 2.86 9.73 -45.77
N THR A 64 3.15 8.46 -45.54
CA THR A 64 3.89 8.05 -44.35
C THR A 64 5.24 8.71 -44.17
N PRO A 65 6.05 8.83 -45.24
CA PRO A 65 7.33 9.52 -45.03
C PRO A 65 7.21 11.01 -44.60
N ARG A 66 6.24 11.73 -45.15
CA ARG A 66 6.03 13.10 -44.77
C ARG A 66 5.51 13.19 -43.33
N ARG A 67 4.59 12.29 -43.00
CA ARG A 67 4.06 12.21 -41.63
C ARG A 67 5.17 11.96 -40.61
N ILE A 68 6.05 11.01 -40.91
CA ILE A 68 7.18 10.71 -40.05
C ILE A 68 8.15 11.89 -39.91
N ALA A 69 8.46 12.56 -41.01
CA ALA A 69 9.34 13.71 -40.97
C ALA A 69 8.74 14.81 -40.12
N LYS A 70 7.47 15.11 -40.37
CA LYS A 70 6.79 16.12 -39.58
C LYS A 70 6.83 15.71 -38.10
N MET A 71 6.62 14.42 -37.84
CA MET A 71 6.56 13.92 -36.48
C MET A 71 7.85 14.06 -35.73
N TYR A 72 8.95 13.66 -36.39
CA TYR A 72 10.27 13.75 -35.77
C TYR A 72 10.66 15.17 -35.46
N VAL A 73 10.66 16.01 -36.49
CA VAL A 73 11.06 17.43 -36.37
C VAL A 73 10.13 18.31 -35.49
N ASP A 74 8.81 18.18 -35.67
CA ASP A 74 7.87 19.07 -34.99
C ASP A 74 7.15 18.52 -33.76
N GLU A 75 7.22 17.21 -33.54
CA GLU A 75 6.42 16.60 -32.47
C GLU A 75 7.30 15.90 -31.44
N ILE A 76 7.65 14.66 -31.71
CA ILE A 76 8.29 13.86 -30.69
C ILE A 76 9.73 14.28 -30.42
N PHE A 77 10.36 15.03 -31.31
CA PHE A 77 11.70 15.57 -31.03
C PHE A 77 11.76 17.09 -30.91
N SER A 78 10.60 17.74 -30.71
CA SER A 78 10.56 19.20 -30.62
C SER A 78 11.35 19.78 -29.44
N GLY A 79 11.63 18.98 -28.41
CA GLY A 79 12.42 19.41 -27.27
C GLY A 79 13.91 19.60 -27.56
N LEU A 80 14.30 19.27 -28.80
CA LEU A 80 15.68 19.48 -29.26
C LEU A 80 15.87 20.95 -29.61
N ASP A 81 14.77 21.70 -29.62
CA ASP A 81 14.78 23.11 -30.04
C ASP A 81 14.30 24.00 -28.88
N TYR A 82 15.22 24.76 -28.31
CA TYR A 82 14.93 25.61 -27.20
C TYR A 82 13.99 26.78 -27.51
N GLU A 83 13.67 26.99 -28.77
CA GLU A 83 12.63 27.94 -29.12
C GLU A 83 11.28 27.39 -28.64
N ASN A 84 11.25 26.09 -28.36
CA ASN A 84 10.03 25.42 -27.87
C ASN A 84 10.01 25.28 -26.36
N PHE A 85 10.96 25.88 -25.67
CA PHE A 85 10.95 25.84 -24.23
C PHE A 85 9.67 26.47 -23.64
N PRO A 86 9.15 25.94 -22.51
CA PRO A 86 7.94 26.58 -21.99
C PRO A 86 8.16 28.02 -21.50
N LYS A 87 7.13 28.83 -21.60
CA LYS A 87 7.11 30.11 -20.89
C LYS A 87 7.11 29.80 -19.39
N ILE A 88 7.89 30.53 -18.63
CA ILE A 88 7.94 30.25 -17.22
C ILE A 88 7.24 31.40 -16.50
N THR A 89 6.37 31.04 -15.57
CA THR A 89 5.72 32.00 -14.69
C THR A 89 5.90 31.55 -13.25
N LEU A 90 6.27 32.53 -12.43
CA LEU A 90 6.64 32.38 -11.04
C LEU A 90 5.87 33.46 -10.27
N ILE A 91 5.40 33.14 -9.07
CA ILE A 91 4.86 34.20 -8.20
C ILE A 91 5.73 34.21 -6.96
N GLN A 92 5.77 35.31 -6.25
CA GLN A 92 6.49 35.36 -4.99
C GLN A 92 5.95 34.34 -4.01
N ASN A 93 6.84 33.71 -3.26
CA ASN A 93 6.43 32.84 -2.15
C ASN A 93 5.99 33.67 -0.93
N LYS A 94 4.98 34.50 -1.11
CA LYS A 94 4.49 35.35 -0.03
C LYS A 94 3.78 34.53 1.04
N MET A 95 3.22 33.40 0.63
CA MET A 95 2.51 32.49 1.52
C MET A 95 3.51 31.69 2.38
N LYS A 96 4.80 31.78 2.02
CA LYS A 96 5.93 31.21 2.76
C LYS A 96 5.87 29.68 2.92
N VAL A 97 5.51 28.98 1.84
CA VAL A 97 5.60 27.53 1.84
C VAL A 97 7.05 27.14 2.10
N ASP A 98 7.27 26.20 3.02
CA ASP A 98 8.62 25.71 3.32
C ASP A 98 8.56 24.21 3.45
N GLU A 99 7.52 23.63 2.87
CA GLU A 99 7.43 22.20 2.76
C GLU A 99 7.36 21.84 1.28
N MET A 100 7.63 20.58 0.99
N MET A 100 7.67 20.59 0.95
CA MET A 100 7.56 20.00 -0.33
CA MET A 100 7.71 20.20 -0.44
C MET A 100 6.24 20.25 -1.04
C MET A 100 6.32 20.23 -1.06
N VAL A 101 6.31 20.66 -2.31
CA VAL A 101 5.14 20.69 -3.18
C VAL A 101 5.39 19.62 -4.27
N THR A 102 4.43 18.70 -4.47
CA THR A 102 4.65 17.49 -5.24
C THR A 102 3.61 17.39 -6.33
N VAL A 103 4.07 17.29 -7.58
CA VAL A 103 3.19 16.98 -8.70
C VAL A 103 3.50 15.54 -9.07
N ARG A 104 2.50 14.68 -8.97
CA ARG A 104 2.71 13.28 -9.25
C ARG A 104 1.94 12.85 -10.48
N ASP A 105 2.30 11.68 -11.02
CA ASP A 105 1.61 11.09 -12.17
C ASP A 105 1.53 12.01 -13.42
N ILE A 106 2.58 12.77 -13.64
CA ILE A 106 2.74 13.58 -14.88
C ILE A 106 2.92 12.70 -16.13
N THR A 107 2.05 12.87 -17.13
CA THR A 107 2.12 12.07 -18.33
C THR A 107 3.46 12.37 -19.03
N LEU A 108 4.22 11.33 -19.36
CA LEU A 108 5.52 11.48 -20.01
C LEU A 108 5.57 10.48 -21.16
N THR A 109 5.87 10.96 -22.35
CA THR A 109 6.10 10.10 -23.47
C THR A 109 7.39 10.56 -24.17
N SER A 110 8.26 9.59 -24.44
CA SER A 110 9.59 9.86 -24.98
C SER A 110 9.97 8.79 -25.99
N THR A 111 11.27 8.69 -26.27
CA THR A 111 11.79 7.83 -27.34
C THR A 111 13.13 7.35 -26.87
N CYS A 112 13.36 6.05 -26.92
N CYS A 112 13.36 6.05 -26.92
N CYS A 112 13.38 6.06 -26.91
CA CYS A 112 14.67 5.50 -26.59
CA CYS A 112 14.68 5.55 -26.63
CA CYS A 112 14.69 5.55 -26.52
C CYS A 112 15.65 5.94 -27.66
C CYS A 112 15.62 6.08 -27.68
C CYS A 112 15.67 5.89 -27.63
N GLU A 113 16.83 6.42 -27.27
CA GLU A 113 17.78 6.89 -28.24
C GLU A 113 18.53 5.76 -28.90
N HIS A 114 18.40 4.55 -28.36
CA HIS A 114 19.16 3.41 -28.89
C HIS A 114 18.43 2.71 -29.99
N HIS A 115 17.10 2.75 -29.93
CA HIS A 115 16.28 2.14 -30.97
C HIS A 115 15.20 3.01 -31.56
N PHE A 116 15.06 4.23 -31.07
CA PHE A 116 14.03 5.12 -31.59
C PHE A 116 12.62 4.52 -31.52
N VAL A 117 12.26 3.94 -30.38
CA VAL A 117 10.88 3.52 -30.19
C VAL A 117 10.35 4.04 -28.87
N THR A 118 9.03 3.94 -28.71
CA THR A 118 8.33 4.63 -27.66
C THR A 118 8.76 4.28 -26.24
N ILE A 119 8.89 5.32 -25.43
CA ILE A 119 8.93 5.19 -23.99
C ILE A 119 7.64 5.80 -23.45
N ASP A 120 6.97 5.07 -22.57
CA ASP A 120 5.72 5.56 -22.02
C ASP A 120 5.87 5.49 -20.53
N GLY A 121 5.84 6.65 -19.86
CA GLY A 121 5.90 6.63 -18.40
C GLY A 121 5.17 7.72 -17.63
N LYS A 122 5.50 7.83 -16.34
CA LYS A 122 4.96 8.83 -15.44
C LYS A 122 6.11 9.46 -14.65
N ALA A 123 6.08 10.78 -14.49
CA ALA A 123 7.03 11.47 -13.63
C ALA A 123 6.40 11.98 -12.35
N THR A 124 7.20 12.02 -11.30
CA THR A 124 6.83 12.69 -10.08
C THR A 124 7.92 13.69 -9.76
N VAL A 125 7.51 14.95 -9.58
CA VAL A 125 8.43 16.02 -9.27
C VAL A 125 8.04 16.69 -7.94
N ALA A 126 9.01 16.95 -7.09
CA ALA A 126 8.72 17.73 -5.90
C ALA A 126 9.76 18.84 -5.78
N TYR A 127 9.38 19.94 -5.13
CA TYR A 127 10.38 20.96 -4.76
C TYR A 127 9.96 21.69 -3.50
N ILE A 128 10.94 22.26 -2.80
CA ILE A 128 10.66 23.13 -1.67
C ILE A 128 10.89 24.56 -2.16
N PRO A 129 9.82 25.37 -2.27
CA PRO A 129 9.97 26.72 -2.83
C PRO A 129 10.87 27.50 -1.90
N LYS A 130 11.68 28.38 -2.50
CA LYS A 130 12.50 29.29 -1.73
C LYS A 130 11.82 30.65 -1.82
N ASP A 131 12.21 31.42 -2.85
CA ASP A 131 11.66 32.74 -3.12
C ASP A 131 10.45 32.72 -4.07
N SER A 132 10.35 31.66 -4.87
CA SER A 132 9.29 31.57 -5.87
C SER A 132 8.52 30.27 -5.89
N VAL A 133 7.28 30.36 -6.34
CA VAL A 133 6.39 29.24 -6.47
C VAL A 133 6.06 29.19 -7.94
N ILE A 134 6.31 28.06 -8.59
CA ILE A 134 6.13 27.97 -10.04
C ILE A 134 4.68 27.60 -10.36
N GLY A 135 4.18 28.14 -11.47
CA GLY A 135 2.90 27.74 -11.98
C GLY A 135 2.94 26.23 -12.17
N LEU A 136 1.93 25.51 -11.64
CA LEU A 136 1.96 24.05 -11.66
C LEU A 136 2.10 23.44 -13.04
N SER A 137 1.35 23.94 -14.00
CA SER A 137 1.39 23.37 -15.35
C SER A 137 2.80 23.46 -15.98
N LYS A 138 3.61 24.43 -15.55
CA LYS A 138 4.97 24.58 -16.07
C LYS A 138 5.84 23.42 -15.63
N ILE A 139 5.47 22.75 -14.54
CA ILE A 139 6.23 21.56 -14.17
C ILE A 139 5.95 20.44 -15.19
N ASN A 140 4.69 20.23 -15.57
CA ASN A 140 4.39 19.23 -16.57
C ASN A 140 5.05 19.59 -17.91
N ARG A 141 5.03 20.88 -18.26
N ARG A 141 4.98 20.87 -18.26
CA ARG A 141 5.56 21.32 -19.54
CA ARG A 141 5.54 21.38 -19.50
C ARG A 141 7.10 21.22 -19.64
C ARG A 141 7.05 21.07 -19.58
N ILE A 142 7.78 21.40 -18.53
CA ILE A 142 9.20 21.14 -18.44
C ILE A 142 9.61 19.67 -18.56
N VAL A 143 8.84 18.79 -17.91
CA VAL A 143 8.98 17.36 -18.07
C VAL A 143 8.78 16.95 -19.53
N GLN A 144 7.69 17.37 -20.15
CA GLN A 144 7.45 17.00 -21.55
C GLN A 144 8.46 17.57 -22.56
N PHE A 145 9.00 18.76 -22.28
CA PHE A 145 10.01 19.35 -23.12
C PHE A 145 11.21 18.41 -23.23
N PHE A 146 11.77 18.01 -22.10
CA PHE A 146 12.91 17.12 -22.10
C PHE A 146 12.59 15.73 -22.62
N ALA A 147 11.34 15.29 -22.42
CA ALA A 147 10.91 13.99 -22.93
C ALA A 147 10.79 13.94 -24.47
N GLN A 148 10.56 15.09 -25.10
CA GLN A 148 10.45 15.15 -26.52
C GLN A 148 11.88 15.26 -27.10
N ARG A 149 12.69 14.25 -26.79
CA ARG A 149 14.02 14.09 -27.34
C ARG A 149 14.27 12.57 -27.43
N PRO A 150 15.22 12.14 -28.27
CA PRO A 150 15.73 10.78 -28.10
C PRO A 150 16.38 10.80 -26.74
N GLN A 151 16.11 9.82 -25.91
CA GLN A 151 16.58 9.87 -24.53
C GLN A 151 17.10 8.53 -24.02
N VAL A 152 17.92 8.65 -23.01
CA VAL A 152 18.22 7.60 -22.08
C VAL A 152 17.52 8.05 -20.78
N GLN A 153 16.77 7.14 -20.14
CA GLN A 153 15.88 7.53 -19.03
C GLN A 153 16.61 8.19 -17.88
N GLU A 154 17.75 7.64 -17.52
CA GLU A 154 18.58 8.23 -16.50
C GLU A 154 19.15 9.62 -16.85
N ARG A 155 19.33 9.92 -18.15
CA ARG A 155 19.70 11.29 -18.56
C ARG A 155 18.52 12.26 -18.45
N LEU A 156 17.37 11.81 -18.96
CA LEU A 156 16.15 12.57 -18.95
C LEU A 156 15.84 13.07 -17.52
N THR A 157 15.98 12.17 -16.53
CA THR A 157 15.71 12.49 -15.14
C THR A 157 16.64 13.56 -14.58
N GLN A 158 17.93 13.44 -14.90
CA GLN A 158 18.92 14.43 -14.48
C GLN A 158 18.71 15.81 -15.10
N GLN A 159 18.20 15.82 -16.33
CA GLN A 159 18.10 17.08 -17.09
C GLN A 159 16.89 17.82 -16.51
N ILE A 160 15.81 17.09 -16.26
CA ILE A 160 14.62 17.72 -15.70
C ILE A 160 14.99 18.33 -14.36
N LEU A 161 15.77 17.59 -13.56
CA LEU A 161 16.18 18.05 -12.23
C LEU A 161 16.96 19.37 -12.29
N LEU A 162 18.01 19.39 -13.13
CA LEU A 162 18.84 20.59 -13.28
C LEU A 162 18.04 21.76 -13.86
N ALA A 163 17.23 21.51 -14.87
CA ALA A 163 16.37 22.55 -15.41
C ALA A 163 15.54 23.18 -14.29
N LEU A 164 14.85 22.34 -13.50
CA LEU A 164 14.01 22.85 -12.42
C LEU A 164 14.80 23.57 -11.36
N GLN A 165 15.94 23.01 -10.95
CA GLN A 165 16.75 23.74 -9.99
C GLN A 165 17.16 25.12 -10.53
N THR A 166 17.37 25.20 -11.84
CA THR A 166 17.82 26.44 -12.43
C THR A 166 16.73 27.51 -12.44
N LEU A 167 15.55 27.14 -12.91
CA LEU A 167 14.45 28.10 -12.95
C LEU A 167 13.92 28.53 -11.57
N LEU A 168 14.03 27.64 -10.58
CA LEU A 168 13.38 27.88 -9.30
C LEU A 168 14.32 28.52 -8.31
N GLY A 169 15.61 28.52 -8.65
CA GLY A 169 16.60 29.19 -7.82
C GLY A 169 16.89 28.43 -6.54
N THR A 170 16.69 27.12 -6.58
CA THR A 170 16.99 26.29 -5.40
C THR A 170 17.48 24.92 -5.82
N ASN A 171 18.39 24.37 -5.02
CA ASN A 171 18.83 23.00 -5.18
C ASN A 171 17.79 21.98 -4.73
N ASN A 172 16.78 22.42 -3.96
CA ASN A 172 15.86 21.45 -3.36
C ASN A 172 14.74 20.97 -4.27
N VAL A 173 15.10 20.09 -5.18
CA VAL A 173 14.18 19.51 -6.14
C VAL A 173 14.44 18.00 -6.24
N ALA A 174 13.42 17.25 -6.60
CA ALA A 174 13.51 15.80 -6.76
C ALA A 174 12.67 15.38 -7.95
N VAL A 175 13.17 14.43 -8.71
CA VAL A 175 12.45 13.96 -9.88
C VAL A 175 12.53 12.46 -9.86
N SER A 176 11.40 11.83 -10.17
CA SER A 176 11.36 10.39 -10.29
C SER A 176 10.53 10.00 -11.50
N ILE A 177 11.05 9.07 -12.28
CA ILE A 177 10.33 8.59 -13.46
C ILE A 177 10.20 7.09 -13.44
N ASP A 178 9.02 6.62 -13.83
CA ASP A 178 8.71 5.21 -13.96
C ASP A 178 8.16 4.98 -15.38
N ALA A 179 8.79 4.09 -16.15
CA ALA A 179 8.42 4.01 -17.56
C ALA A 179 8.53 2.60 -18.14
N VAL A 180 7.73 2.34 -19.17
CA VAL A 180 7.84 1.15 -19.97
C VAL A 180 8.60 1.51 -21.24
N HIS A 181 9.62 0.74 -21.56
CA HIS A 181 10.42 0.95 -22.80
C HIS A 181 10.00 -0.09 -23.81
N TYR A 182 9.42 0.36 -24.90
CA TYR A 182 9.05 -0.57 -25.95
C TYR A 182 10.22 -1.26 -26.68
N CYS A 183 11.44 -0.75 -26.52
N CYS A 183 11.44 -0.75 -26.51
CA CYS A 183 12.63 -1.47 -26.97
CA CYS A 183 12.66 -1.47 -26.91
C CYS A 183 12.98 -2.66 -26.07
C CYS A 183 12.72 -2.81 -26.20
N VAL A 184 12.21 -2.81 -24.98
CA VAL A 184 12.29 -3.96 -24.09
C VAL A 184 11.05 -4.84 -24.31
N LYS A 185 9.90 -4.18 -24.47
CA LYS A 185 8.61 -4.86 -24.61
C LYS A 185 8.31 -5.33 -26.05
N ALA A 186 8.63 -4.53 -27.05
CA ALA A 186 8.14 -4.75 -28.40
C ALA A 186 9.16 -5.46 -29.32
N ARG A 187 10.39 -5.63 -28.83
CA ARG A 187 11.49 -6.24 -29.62
C ARG A 187 12.50 -6.84 -28.65
N GLY A 188 13.48 -7.55 -29.19
CA GLY A 188 14.46 -8.22 -28.36
C GLY A 188 13.89 -9.22 -27.36
N ILE A 189 14.22 -9.03 -26.11
CA ILE A 189 13.72 -9.94 -25.09
C ILE A 189 12.17 -9.94 -24.93
N ARG A 190 11.51 -8.86 -25.33
CA ARG A 190 10.04 -8.81 -25.34
C ARG A 190 9.42 -9.11 -23.95
N ASP A 191 9.89 -8.36 -22.96
CA ASP A 191 9.33 -8.46 -21.62
C ASP A 191 8.08 -7.57 -21.51
N ALA A 192 6.91 -8.22 -21.48
CA ALA A 192 5.60 -7.60 -21.34
C ALA A 192 5.34 -6.94 -19.99
N THR A 193 6.10 -7.30 -18.96
CA THR A 193 5.74 -6.90 -17.60
C THR A 193 6.63 -5.82 -17.00
N SER A 194 7.87 -5.69 -17.46
CA SER A 194 8.82 -4.91 -16.68
C SER A 194 8.68 -3.41 -16.87
N ALA A 195 9.24 -2.64 -15.93
CA ALA A 195 9.29 -1.19 -16.03
C ALA A 195 10.53 -0.70 -15.31
N THR A 196 10.94 0.51 -15.64
CA THR A 196 12.15 1.10 -15.09
C THR A 196 11.85 2.37 -14.28
N THR A 197 12.49 2.51 -13.12
CA THR A 197 12.32 3.69 -12.29
C THR A 197 13.67 4.30 -12.05
N THR A 198 13.76 5.60 -12.29
CA THR A 198 14.98 6.36 -12.06
C THR A 198 14.65 7.53 -11.15
N THR A 199 15.67 7.98 -10.43
CA THR A 199 15.48 8.98 -9.42
C THR A 199 16.64 9.98 -9.46
N SER A 200 16.35 11.27 -9.49
CA SER A 200 17.38 12.30 -9.40
C SER A 200 17.01 13.24 -8.24
N LEU A 201 17.89 13.38 -7.27
CA LEU A 201 17.55 14.04 -6.03
C LEU A 201 18.54 15.13 -5.74
N GLY A 202 18.07 16.37 -5.56
CA GLY A 202 18.97 17.50 -5.29
C GLY A 202 18.77 18.14 -3.92
N GLY A 203 19.80 18.83 -3.45
CA GLY A 203 19.76 19.52 -2.18
C GLY A 203 19.27 18.61 -1.05
N LEU A 204 18.26 19.08 -0.31
CA LEU A 204 17.72 18.36 0.85
C LEU A 204 17.20 16.97 0.51
N PHE A 205 16.63 16.82 -0.68
CA PHE A 205 16.11 15.53 -1.12
C PHE A 205 17.18 14.44 -1.26
N LYS A 206 18.44 14.84 -1.36
CA LYS A 206 19.50 13.87 -1.52
C LYS A 206 20.11 13.68 -0.17
N SER A 207 20.09 14.75 0.60
CA SER A 207 20.97 14.89 1.75
C SER A 207 20.27 14.72 3.08
N SER A 208 19.06 15.26 3.17
CA SER A 208 18.25 15.20 4.39
C SER A 208 17.38 13.96 4.40
N GLN A 209 17.67 13.04 5.32
CA GLN A 209 17.02 11.73 5.35
C GLN A 209 15.49 11.77 5.53
N ASN A 210 14.97 12.62 6.41
CA ASN A 210 13.52 12.77 6.40
C ASN A 210 12.92 13.38 5.11
N THR A 211 13.50 14.47 4.58
CA THR A 211 13.04 15.01 3.29
C THR A 211 13.13 13.98 2.14
N ARG A 212 14.27 13.33 2.04
CA ARG A 212 14.50 12.25 1.09
C ARG A 212 13.48 11.08 1.24
N GLN A 213 13.26 10.60 2.45
CA GLN A 213 12.33 9.49 2.58
C GLN A 213 10.87 9.93 2.41
N GLU A 214 10.53 11.17 2.82
CA GLU A 214 9.16 11.68 2.61
C GLU A 214 8.88 11.68 1.11
N PHE A 215 9.82 12.17 0.31
CA PHE A 215 9.67 12.04 -1.14
C PHE A 215 9.60 10.58 -1.63
N LEU A 216 10.60 9.77 -1.32
CA LEU A 216 10.65 8.41 -1.86
C LEU A 216 9.46 7.57 -1.43
N ARG A 217 9.02 7.76 -0.19
CA ARG A 217 7.91 6.95 0.30
C ARG A 217 6.61 7.34 -0.42
N ALA A 218 6.49 8.61 -0.78
CA ALA A 218 5.31 9.11 -1.46
C ALA A 218 5.24 8.64 -2.90
N VAL A 219 6.40 8.42 -3.50
CA VAL A 219 6.47 7.94 -4.87
C VAL A 219 5.99 6.51 -4.92
N ARG A 220 6.50 5.67 -4.01
CA ARG A 220 6.20 4.22 -3.94
C ARG A 220 4.77 3.86 -4.35
N HIS A 221 3.85 4.81 -4.10
CA HIS A 221 2.49 4.77 -4.62
C HIS A 221 2.43 5.38 -6.03
N HIS A 222 3.41 5.00 -6.87
CA HIS A 222 3.47 5.27 -8.32
C HIS A 222 3.05 3.99 -9.07
N GLY A 223 3.66 2.88 -8.68
CA GLY A 223 3.38 1.59 -9.28
C GLY A 223 4.42 0.56 -8.90
N SER B 5 -17.21 43.50 13.78
CA SER B 5 -18.43 43.94 14.46
C SER B 5 -19.63 43.11 14.01
N SER B 6 -19.67 42.77 12.72
CA SER B 6 -20.73 41.92 12.17
C SER B 6 -20.28 40.46 12.11
N LEU B 7 -18.99 40.25 12.36
CA LEU B 7 -18.37 38.94 12.25
C LEU B 7 -18.32 38.28 13.63
N SER B 8 -18.34 36.95 13.67
CA SER B 8 -18.18 36.25 14.95
C SER B 8 -16.77 36.49 15.49
N LYS B 9 -16.62 36.27 16.78
CA LYS B 9 -15.35 36.39 17.47
C LYS B 9 -14.30 35.42 16.86
N GLU B 10 -14.72 34.21 16.52
CA GLU B 10 -13.86 33.24 15.85
C GLU B 10 -13.39 33.75 14.47
N ALA B 11 -14.33 34.25 13.70
CA ALA B 11 -14.05 34.67 12.34
C ALA B 11 -13.09 35.84 12.34
N GLU B 12 -13.25 36.71 13.32
CA GLU B 12 -12.45 37.92 13.35
C GLU B 12 -11.07 37.54 13.83
N LEU B 13 -11.02 36.59 14.76
CA LEU B 13 -9.74 36.10 15.22
C LEU B 13 -8.94 35.42 14.06
N VAL B 14 -9.62 34.63 13.25
CA VAL B 14 -8.92 33.94 12.15
C VAL B 14 -8.41 34.95 11.12
N HIS B 15 -9.28 35.89 10.74
CA HIS B 15 -8.97 36.91 9.74
C HIS B 15 -7.76 37.75 10.16
N GLN B 16 -7.72 38.13 11.43
CA GLN B 16 -6.61 38.96 11.90
C GLN B 16 -5.31 38.17 12.00
N ALA B 17 -5.42 36.87 12.27
CA ALA B 17 -4.24 36.02 12.33
C ALA B 17 -3.68 35.86 10.92
N LEU B 18 -4.54 35.59 9.94
CA LEU B 18 -4.13 35.51 8.54
C LEU B 18 -3.48 36.79 8.07
N LEU B 19 -4.05 37.92 8.47
CA LEU B 19 -3.55 39.23 8.07
C LEU B 19 -2.19 39.48 8.70
N ALA B 20 -2.01 39.19 9.98
CA ALA B 20 -0.71 39.44 10.57
C ALA B 20 0.40 38.56 9.97
N ARG B 21 0.03 37.37 9.49
CA ARG B 21 0.96 36.42 8.84
C ARG B 21 1.28 36.78 7.36
N GLY B 22 0.42 37.57 6.71
CA GLY B 22 0.55 37.90 5.29
C GLY B 22 -0.11 36.87 4.40
N LEU B 23 -1.00 36.10 5.02
CA LEU B 23 -1.56 34.94 4.38
C LEU B 23 -2.95 35.21 3.87
N GLU B 24 -3.52 36.37 4.19
CA GLU B 24 -4.90 36.58 3.76
C GLU B 24 -4.94 36.64 2.23
N THR B 25 -6.05 36.19 1.64
CA THR B 25 -6.29 36.28 0.22
C THR B 25 -6.30 37.76 -0.18
N PRO B 26 -5.65 38.10 -1.31
CA PRO B 26 -5.60 39.49 -1.80
C PRO B 26 -6.97 40.17 -1.96
N LEU B 27 -7.35 40.99 -0.98
CA LEU B 27 -8.67 41.61 -0.94
C LEU B 27 -8.61 43.15 -0.84
N ARG B 28 -9.62 43.82 -1.39
CA ARG B 28 -9.83 45.26 -1.21
C ARG B 28 -11.10 45.41 -0.37
N LYS B 29 -11.27 46.52 0.34
CA LYS B 29 -12.49 46.65 1.16
C LYS B 29 -13.74 46.99 0.34
N PRO B 30 -14.86 46.33 0.65
CA PRO B 30 -16.08 46.40 -0.16
C PRO B 30 -16.76 47.78 -0.18
N GLU B 31 -17.11 48.24 -1.38
CA GLU B 31 -17.72 49.55 -1.56
C GLU B 31 -19.15 49.43 -2.06
N LEU B 32 -19.48 48.25 -2.58
CA LEU B 32 -20.80 47.97 -3.09
C LEU B 32 -21.34 46.72 -2.40
N ASP B 33 -22.66 46.71 -2.17
CA ASP B 33 -23.34 45.56 -1.56
C ASP B 33 -23.28 44.31 -2.44
N ALA B 34 -23.45 43.14 -1.84
CA ALA B 34 -23.36 41.87 -2.57
C ALA B 34 -24.39 41.77 -3.72
N GLU B 35 -25.57 42.33 -3.51
CA GLU B 35 -26.65 42.24 -4.49
C GLU B 35 -26.45 43.10 -5.74
N THR B 36 -25.84 44.28 -5.60
CA THR B 36 -25.56 45.08 -6.77
C THR B 36 -24.30 44.59 -7.47
N ARG B 37 -23.34 44.10 -6.69
CA ARG B 37 -22.17 43.44 -7.30
C ARG B 37 -22.64 42.29 -8.18
N LYS B 38 -23.63 41.53 -7.69
CA LYS B 38 -24.20 40.47 -8.51
C LYS B 38 -24.81 40.98 -9.79
N THR B 39 -25.66 42.00 -9.65
CA THR B 39 -26.27 42.65 -10.79
C THR B 39 -25.25 43.13 -11.82
N ARG B 40 -24.20 43.77 -11.37
CA ARG B 40 -23.14 44.24 -12.27
C ARG B 40 -22.29 43.13 -12.94
N ILE B 41 -21.96 42.10 -12.17
CA ILE B 41 -21.22 40.98 -12.74
C ILE B 41 -22.07 40.35 -13.83
N GLN B 42 -23.36 40.27 -13.59
CA GLN B 42 -24.29 39.74 -14.57
C GLN B 42 -24.22 40.54 -15.86
N ALA B 43 -24.07 41.86 -15.72
CA ALA B 43 -23.96 42.74 -16.87
C ALA B 43 -22.70 42.46 -17.66
N HIS B 44 -21.57 42.34 -16.96
CA HIS B 44 -20.31 42.07 -17.63
C HIS B 44 -20.28 40.70 -18.30
N MET B 45 -20.87 39.68 -17.68
CA MET B 45 -20.88 38.32 -18.26
C MET B 45 -21.78 38.23 -19.47
N THR B 46 -22.78 39.12 -19.52
CA THR B 46 -23.60 39.22 -20.72
C THR B 46 -22.73 39.63 -21.91
N GLU B 47 -21.91 40.66 -21.72
CA GLU B 47 -21.07 41.16 -22.81
C GLU B 47 -20.03 40.13 -23.20
N VAL B 48 -19.50 39.43 -22.20
CA VAL B 48 -18.49 38.40 -22.45
C VAL B 48 -19.10 37.40 -23.41
N MET B 49 -20.33 37.00 -23.18
CA MET B 49 -20.94 35.98 -24.02
C MET B 49 -21.29 36.49 -25.39
N HIS B 50 -21.70 37.75 -25.46
CA HIS B 50 -21.76 38.45 -26.74
C HIS B 50 -20.42 38.41 -27.46
N LEU B 51 -19.34 38.70 -26.74
CA LEU B 51 -18.01 38.77 -27.34
C LEU B 51 -17.46 37.38 -27.73
N LEU B 52 -18.10 36.33 -27.23
CA LEU B 52 -17.74 34.97 -27.63
C LEU B 52 -18.55 34.58 -28.85
N ASN B 53 -19.38 35.52 -29.30
CA ASN B 53 -20.33 35.31 -30.41
C ASN B 53 -21.47 34.31 -30.11
N LEU B 54 -21.84 34.15 -28.85
CA LEU B 54 -22.90 33.21 -28.49
C LEU B 54 -24.25 33.88 -28.66
N ASP B 55 -25.29 33.09 -28.96
CA ASP B 55 -26.64 33.64 -29.13
C ASP B 55 -27.48 33.58 -27.83
N LEU B 56 -27.57 34.70 -27.13
CA LEU B 56 -28.32 34.77 -25.88
C LEU B 56 -29.83 34.68 -26.02
N THR B 57 -30.35 34.58 -27.24
CA THR B 57 -31.78 34.38 -27.37
C THR B 57 -32.14 32.90 -27.16
N ASP B 58 -31.11 32.06 -27.13
CA ASP B 58 -31.34 30.66 -26.80
C ASP B 58 -31.84 30.49 -25.35
N ASP B 59 -32.94 29.76 -25.18
CA ASP B 59 -33.50 29.56 -23.85
C ASP B 59 -32.47 28.96 -22.89
N SER B 60 -31.58 28.14 -23.43
CA SER B 60 -30.62 27.45 -22.61
C SER B 60 -29.58 28.40 -22.08
N LEU B 61 -29.36 29.49 -22.78
CA LEU B 61 -28.18 30.30 -22.56
C LEU B 61 -28.58 31.62 -21.95
N ALA B 62 -29.87 31.92 -22.04
CA ALA B 62 -30.39 33.27 -21.82
C ALA B 62 -30.07 33.75 -20.42
N ASP B 63 -30.15 32.81 -19.48
CA ASP B 63 -29.97 33.07 -18.06
C ASP B 63 -28.57 32.80 -17.52
N THR B 64 -27.66 32.39 -18.39
CA THR B 64 -26.30 32.05 -17.95
C THR B 64 -25.57 33.18 -17.25
N PRO B 65 -25.67 34.42 -17.77
CA PRO B 65 -24.97 35.48 -17.02
C PRO B 65 -25.43 35.66 -15.59
N ARG B 66 -26.74 35.63 -15.37
CA ARG B 66 -27.30 35.70 -14.02
C ARG B 66 -26.83 34.49 -13.20
N ARG B 67 -26.91 33.29 -13.77
CA ARG B 67 -26.41 32.08 -13.05
C ARG B 67 -24.94 32.21 -12.64
N ILE B 68 -24.11 32.79 -13.51
CA ILE B 68 -22.69 32.92 -13.23
C ILE B 68 -22.43 33.92 -12.10
N ALA B 69 -23.06 35.10 -12.21
CA ALA B 69 -22.97 36.15 -11.19
C ALA B 69 -23.31 35.58 -9.83
N LYS B 70 -24.43 34.86 -9.80
CA LYS B 70 -24.95 34.24 -8.59
C LYS B 70 -23.95 33.21 -8.05
N MET B 71 -23.40 32.40 -8.93
CA MET B 71 -22.37 31.43 -8.54
C MET B 71 -21.12 32.06 -7.95
N TYR B 72 -20.54 33.07 -8.63
CA TYR B 72 -19.35 33.72 -8.11
C TYR B 72 -19.62 34.30 -6.74
N VAL B 73 -20.53 35.28 -6.67
CA VAL B 73 -20.76 35.91 -5.38
C VAL B 73 -21.28 34.99 -4.24
N ASP B 74 -22.28 34.15 -4.52
CA ASP B 74 -22.96 33.43 -3.45
C ASP B 74 -22.46 32.00 -3.15
N GLU B 75 -21.71 31.38 -4.06
CA GLU B 75 -21.32 29.97 -3.90
C GLU B 75 -19.81 29.72 -3.95
N ILE B 76 -19.21 29.71 -5.14
CA ILE B 76 -17.83 29.26 -5.23
C ILE B 76 -16.87 30.27 -4.64
N PHE B 77 -17.30 31.52 -4.48
CA PHE B 77 -16.41 32.51 -3.86
C PHE B 77 -16.99 33.02 -2.53
N SER B 78 -17.95 32.31 -1.96
CA SER B 78 -18.59 32.75 -0.70
C SER B 78 -17.61 32.82 0.47
N GLY B 79 -16.47 32.13 0.37
CA GLY B 79 -15.47 32.17 1.41
C GLY B 79 -14.64 33.45 1.45
N LEU B 80 -14.94 34.40 0.57
CA LEU B 80 -14.29 35.72 0.60
C LEU B 80 -14.95 36.59 1.66
N ASP B 81 -16.10 36.15 2.16
CA ASP B 81 -16.91 36.95 3.12
C ASP B 81 -16.89 36.25 4.51
N TYR B 82 -16.24 36.84 5.49
CA TYR B 82 -16.20 36.16 6.80
C TYR B 82 -17.54 36.07 7.53
N GLU B 83 -18.59 36.66 6.98
CA GLU B 83 -19.90 36.45 7.58
C GLU B 83 -20.33 35.02 7.34
N ASN B 84 -19.69 34.37 6.39
CA ASN B 84 -19.95 32.98 6.05
C ASN B 84 -18.97 32.08 6.76
N PHE B 85 -18.19 32.59 7.69
CA PHE B 85 -17.32 31.71 8.46
C PHE B 85 -18.16 30.69 9.21
N PRO B 86 -17.71 29.41 9.30
CA PRO B 86 -18.59 28.48 10.05
C PRO B 86 -18.73 28.82 11.53
N LYS B 87 -19.88 28.49 12.12
CA LYS B 87 -20.03 28.56 13.57
C LYS B 87 -19.11 27.49 14.17
N ILE B 88 -18.38 27.87 15.21
CA ILE B 88 -17.43 26.98 15.83
C ILE B 88 -17.88 26.47 17.20
N THR B 89 -17.85 25.16 17.35
CA THR B 89 -18.17 24.55 18.63
C THR B 89 -17.02 23.67 19.10
N LEU B 90 -16.66 23.86 20.36
CA LEU B 90 -15.57 23.18 21.01
C LEU B 90 -16.09 22.57 22.32
N ILE B 91 -15.66 21.37 22.63
CA ILE B 91 -15.98 20.78 23.94
C ILE B 91 -14.66 20.65 24.69
N GLN B 92 -14.72 20.54 26.02
CA GLN B 92 -13.49 20.41 26.79
C GLN B 92 -12.79 19.06 26.51
N ASN B 93 -11.47 19.07 26.36
CA ASN B 93 -10.69 17.83 26.31
C ASN B 93 -10.67 17.12 27.68
N LYS B 94 -11.86 16.81 28.21
CA LYS B 94 -12.01 16.10 29.48
C LYS B 94 -11.58 14.64 29.37
N MET B 95 -11.67 14.10 28.16
CA MET B 95 -11.24 12.73 27.92
C MET B 95 -9.73 12.64 27.78
N LYS B 96 -9.08 13.81 27.68
CA LYS B 96 -7.63 13.93 27.73
C LYS B 96 -6.91 13.20 26.58
N VAL B 97 -7.47 13.29 25.37
CA VAL B 97 -6.78 12.83 24.16
C VAL B 97 -5.47 13.61 23.99
N ASP B 98 -4.39 12.89 23.69
CA ASP B 98 -3.07 13.48 23.49
C ASP B 98 -2.38 12.79 22.33
N GLU B 99 -3.16 12.08 21.53
CA GLU B 99 -2.71 11.54 20.25
C GLU B 99 -3.49 12.25 19.14
N MET B 100 -2.95 12.29 17.92
CA MET B 100 -3.61 13.03 16.85
C MET B 100 -4.97 12.48 16.51
N VAL B 101 -5.83 13.40 16.12
CA VAL B 101 -7.13 13.10 15.55
C VAL B 101 -7.01 13.49 14.08
N THR B 102 -7.37 12.57 13.19
CA THR B 102 -7.20 12.77 11.75
C THR B 102 -8.52 12.67 10.99
N VAL B 103 -8.91 13.74 10.30
CA VAL B 103 -10.04 13.65 9.37
C VAL B 103 -9.44 13.55 7.95
N ARG B 104 -9.72 12.44 7.25
CA ARG B 104 -9.11 12.21 5.98
C ARG B 104 -10.19 12.26 4.92
N ASP B 105 -9.77 12.53 3.68
CA ASP B 105 -10.66 12.48 2.53
C ASP B 105 -11.80 13.52 2.59
N ILE B 106 -11.48 14.68 3.15
CA ILE B 106 -12.40 15.82 3.11
C ILE B 106 -12.66 16.30 1.69
N THR B 107 -13.91 16.29 1.27
CA THR B 107 -14.24 16.79 -0.03
C THR B 107 -13.82 18.27 -0.10
N LEU B 108 -13.04 18.61 -1.13
N LEU B 108 -12.98 18.65 -1.06
CA LEU B 108 -12.60 20.00 -1.36
CA LEU B 108 -12.80 20.09 -1.30
C LEU B 108 -12.86 20.40 -2.82
C LEU B 108 -12.85 20.43 -2.78
N THR B 109 -13.52 21.55 -3.05
CA THR B 109 -13.61 22.08 -4.38
C THR B 109 -13.30 23.56 -4.35
N SER B 110 -12.42 23.96 -5.26
CA SER B 110 -11.94 25.33 -5.28
C SER B 110 -11.83 25.81 -6.73
N THR B 111 -11.14 26.93 -6.88
CA THR B 111 -11.00 27.60 -8.16
C THR B 111 -9.60 28.14 -8.21
N CYS B 112 -8.89 27.82 -9.28
N CYS B 112 -8.87 27.80 -9.26
CA CYS B 112 -7.56 28.38 -9.47
CA CYS B 112 -7.52 28.36 -9.44
C CYS B 112 -7.69 29.88 -9.70
C CYS B 112 -7.62 29.86 -9.74
N GLU B 113 -6.85 30.66 -9.04
CA GLU B 113 -6.95 32.09 -9.19
C GLU B 113 -6.29 32.62 -10.46
N HIS B 114 -5.53 31.77 -11.16
CA HIS B 114 -4.87 32.20 -12.39
C HIS B 114 -5.75 32.03 -13.63
N HIS B 115 -6.60 31.02 -13.63
CA HIS B 115 -7.48 30.81 -14.78
C HIS B 115 -8.97 30.76 -14.50
N PHE B 116 -9.33 30.94 -13.24
CA PHE B 116 -10.70 30.77 -12.78
C PHE B 116 -11.38 29.46 -13.26
N VAL B 117 -10.67 28.34 -13.15
CA VAL B 117 -11.36 27.07 -13.36
C VAL B 117 -11.26 26.13 -12.16
N THR B 118 -12.08 25.08 -12.18
CA THR B 118 -12.22 24.13 -11.10
C THR B 118 -10.92 23.49 -10.59
N ILE B 119 -10.75 23.54 -9.28
CA ILE B 119 -9.83 22.64 -8.59
C ILE B 119 -10.65 21.58 -7.81
N ASP B 120 -10.33 20.31 -8.04
CA ASP B 120 -11.04 19.20 -7.41
C ASP B 120 -10.08 18.39 -6.55
N GLY B 121 -10.30 18.38 -5.25
CA GLY B 121 -9.42 17.58 -4.42
C GLY B 121 -9.96 17.00 -3.13
N LYS B 122 -9.01 16.53 -2.32
CA LYS B 122 -9.27 15.90 -1.02
C LYS B 122 -8.29 16.49 -0.02
N ALA B 123 -8.77 16.94 1.14
CA ALA B 123 -7.85 17.33 2.21
C ALA B 123 -7.78 16.26 3.32
N THR B 124 -6.65 16.21 4.02
CA THR B 124 -6.52 15.44 5.23
C THR B 124 -5.98 16.40 6.28
N VAL B 125 -6.68 16.48 7.42
CA VAL B 125 -6.28 17.33 8.51
C VAL B 125 -6.07 16.55 9.80
N ALA B 126 -5.01 16.87 10.53
CA ALA B 126 -4.87 16.26 11.82
C ALA B 126 -4.50 17.30 12.86
N TYR B 127 -4.93 17.09 14.11
CA TYR B 127 -4.42 17.91 15.22
C TYR B 127 -4.27 17.12 16.51
N ILE B 128 -3.39 17.56 17.40
CA ILE B 128 -3.39 17.02 18.76
C ILE B 128 -4.13 18.02 19.69
N PRO B 129 -5.33 17.64 20.16
CA PRO B 129 -6.12 18.53 21.03
C PRO B 129 -5.32 18.93 22.25
N LYS B 130 -5.40 20.21 22.59
CA LYS B 130 -4.79 20.65 23.81
C LYS B 130 -5.91 20.74 24.86
N ASP B 131 -6.49 21.91 25.01
CA ASP B 131 -7.57 22.10 25.99
C ASP B 131 -8.97 21.75 25.42
N SER B 132 -9.09 21.78 24.09
CA SER B 132 -10.37 21.63 23.41
C SER B 132 -10.37 20.58 22.30
N VAL B 133 -11.55 20.04 22.06
CA VAL B 133 -11.77 19.11 20.99
C VAL B 133 -12.82 19.72 20.08
N ILE B 134 -12.56 19.80 18.78
CA ILE B 134 -13.48 20.51 17.89
C ILE B 134 -14.53 19.56 17.38
N GLY B 135 -15.73 20.05 17.16
CA GLY B 135 -16.73 19.26 16.47
C GLY B 135 -16.18 18.86 15.11
N LEU B 136 -16.30 17.58 14.77
CA LEU B 136 -15.65 17.05 13.57
C LEU B 136 -16.07 17.78 12.27
N SER B 137 -17.36 18.00 12.07
CA SER B 137 -17.83 18.64 10.85
C SER B 137 -17.23 20.05 10.66
N LYS B 138 -16.75 20.66 11.73
CA LYS B 138 -16.20 22.02 11.65
C LYS B 138 -14.87 21.99 10.94
N ILE B 139 -14.19 20.86 10.99
CA ILE B 139 -12.97 20.72 10.23
C ILE B 139 -13.29 20.71 8.73
N ASN B 140 -14.30 19.95 8.32
CA ASN B 140 -14.69 19.96 6.91
C ASN B 140 -15.19 21.37 6.52
N ARG B 141 -15.91 22.05 7.42
CA ARG B 141 -16.43 23.40 7.09
C ARG B 141 -15.32 24.44 6.92
N ILE B 142 -14.31 24.42 7.78
CA ILE B 142 -13.16 25.28 7.65
C ILE B 142 -12.38 25.08 6.35
N VAL B 143 -12.12 23.82 5.98
CA VAL B 143 -11.45 23.51 4.73
C VAL B 143 -12.25 24.12 3.58
N GLN B 144 -13.56 23.84 3.55
CA GLN B 144 -14.36 24.34 2.46
C GLN B 144 -14.54 25.88 2.43
N PHE B 145 -14.58 26.51 3.60
CA PHE B 145 -14.63 27.96 3.64
C PHE B 145 -13.42 28.57 2.83
N PHE B 146 -12.19 28.17 3.19
CA PHE B 146 -11.00 28.65 2.52
C PHE B 146 -10.92 28.24 1.04
N ALA B 147 -11.49 27.07 0.71
CA ALA B 147 -11.55 26.59 -0.68
C ALA B 147 -12.51 27.39 -1.56
N GLN B 148 -13.55 27.97 -0.96
CA GLN B 148 -14.51 28.75 -1.72
C GLN B 148 -13.94 30.16 -1.93
N ARG B 149 -12.75 30.22 -2.53
CA ARG B 149 -12.06 31.45 -2.90
C ARG B 149 -11.25 31.17 -4.15
N PRO B 150 -10.88 32.20 -4.90
CA PRO B 150 -9.89 31.99 -5.94
C PRO B 150 -8.63 31.63 -5.19
N GLN B 151 -7.96 30.55 -5.56
CA GLN B 151 -6.86 30.08 -4.73
C GLN B 151 -5.62 29.56 -5.44
N VAL B 152 -4.49 29.65 -4.74
CA VAL B 152 -3.28 28.96 -5.10
C VAL B 152 -3.13 27.88 -4.04
N GLN B 153 -3.00 26.63 -4.46
CA GLN B 153 -3.12 25.51 -3.55
C GLN B 153 -2.16 25.67 -2.40
N GLU B 154 -0.99 26.22 -2.69
CA GLU B 154 0.01 26.44 -1.68
C GLU B 154 -0.48 27.39 -0.59
N ARG B 155 -1.19 28.45 -0.97
CA ARG B 155 -1.74 29.40 0.00
C ARG B 155 -2.94 28.80 0.75
N LEU B 156 -3.77 28.05 0.02
CA LEU B 156 -4.96 27.45 0.61
C LEU B 156 -4.58 26.58 1.81
N THR B 157 -3.58 25.72 1.60
CA THR B 157 -3.05 24.84 2.64
C THR B 157 -2.59 25.54 3.91
N GLN B 158 -1.84 26.62 3.73
CA GLN B 158 -1.36 27.43 4.84
C GLN B 158 -2.50 28.17 5.56
N GLN B 159 -3.50 28.62 4.83
CA GLN B 159 -4.58 29.37 5.46
C GLN B 159 -5.38 28.41 6.34
N ILE B 160 -5.64 27.20 5.82
CA ILE B 160 -6.40 26.21 6.62
C ILE B 160 -5.64 25.88 7.90
N LEU B 161 -4.34 25.71 7.77
CA LEU B 161 -3.50 25.38 8.91
C LEU B 161 -3.59 26.45 9.98
N LEU B 162 -3.30 27.69 9.61
CA LEU B 162 -3.29 28.80 10.57
C LEU B 162 -4.68 29.06 11.17
N ALA B 163 -5.71 29.01 10.35
CA ALA B 163 -7.06 29.14 10.91
C ALA B 163 -7.31 28.08 12.01
N LEU B 164 -6.95 26.82 11.74
CA LEU B 164 -7.17 25.77 12.74
C LEU B 164 -6.30 25.95 13.96
N GLN B 165 -5.04 26.35 13.78
CA GLN B 165 -4.22 26.63 14.96
C GLN B 165 -4.85 27.71 15.82
N THR B 166 -5.40 28.72 15.17
CA THR B 166 -5.93 29.87 15.89
C THR B 166 -7.13 29.42 16.77
N LEU B 167 -8.03 28.62 16.18
CA LEU B 167 -9.27 28.22 16.82
C LEU B 167 -9.07 27.10 17.87
N LEU B 168 -8.06 26.25 17.67
CA LEU B 168 -7.86 25.09 18.53
C LEU B 168 -6.99 25.47 19.68
N GLY B 169 -6.38 26.64 19.56
CA GLY B 169 -5.45 27.13 20.56
C GLY B 169 -4.20 26.26 20.71
N THR B 170 -3.77 25.64 19.61
CA THR B 170 -2.53 24.88 19.63
C THR B 170 -1.87 24.92 18.26
N ASN B 171 -0.55 24.87 18.23
CA ASN B 171 0.19 24.82 16.97
C ASN B 171 0.25 23.43 16.39
N ASN B 172 -0.18 22.42 17.16
CA ASN B 172 -0.06 21.04 16.70
C ASN B 172 -1.14 20.65 15.71
N VAL B 173 -0.99 21.08 14.47
CA VAL B 173 -1.97 20.83 13.42
C VAL B 173 -1.22 20.51 12.13
N ALA B 174 -1.81 19.67 11.29
CA ALA B 174 -1.22 19.42 9.98
C ALA B 174 -2.31 19.37 8.95
N VAL B 175 -2.01 19.86 7.75
CA VAL B 175 -2.99 19.91 6.67
C VAL B 175 -2.29 19.37 5.38
N SER B 176 -2.96 18.52 4.64
CA SER B 176 -2.41 18.04 3.39
C SER B 176 -3.53 18.08 2.38
N ILE B 177 -3.20 18.54 1.17
CA ILE B 177 -4.25 18.58 0.17
C ILE B 177 -3.72 17.91 -1.10
N ASP B 178 -4.52 17.06 -1.71
CA ASP B 178 -4.21 16.43 -2.98
C ASP B 178 -5.31 16.84 -3.93
N ALA B 179 -4.97 17.38 -5.10
CA ALA B 179 -5.99 17.96 -5.97
C ALA B 179 -5.66 17.87 -7.47
N VAL B 180 -6.70 17.74 -8.30
CA VAL B 180 -6.58 17.86 -9.74
C VAL B 180 -6.97 19.33 -10.11
N HIS B 181 -6.10 19.98 -10.87
CA HIS B 181 -6.32 21.36 -11.34
C HIS B 181 -6.75 21.29 -12.76
N TYR B 182 -7.95 21.75 -13.03
CA TYR B 182 -8.41 21.76 -14.42
C TYR B 182 -7.71 22.77 -15.36
N CYS B 183 -6.96 23.72 -14.80
N CYS B 183 -6.97 23.72 -14.77
CA CYS B 183 -6.14 24.61 -15.60
CA CYS B 183 -6.09 24.61 -15.53
C CYS B 183 -4.88 23.89 -16.13
C CYS B 183 -4.99 23.80 -16.24
N VAL B 184 -4.66 22.65 -15.65
CA VAL B 184 -3.56 21.80 -16.10
C VAL B 184 -4.14 20.70 -16.95
N LYS B 185 -5.31 20.21 -16.56
CA LYS B 185 -5.98 19.09 -17.22
C LYS B 185 -6.88 19.48 -18.40
N ALA B 186 -7.60 20.58 -18.29
CA ALA B 186 -8.56 20.93 -19.33
C ALA B 186 -8.11 21.99 -20.34
N ARG B 187 -6.90 22.52 -20.22
CA ARG B 187 -6.36 23.53 -21.19
C ARG B 187 -4.86 23.47 -21.11
N GLY B 188 -4.17 24.25 -21.93
CA GLY B 188 -2.71 24.28 -21.97
C GLY B 188 -2.08 22.90 -22.23
N ILE B 189 -1.27 22.42 -21.29
CA ILE B 189 -0.59 21.12 -21.42
C ILE B 189 -1.60 19.94 -21.48
N ARG B 190 -2.80 20.14 -20.94
CA ARG B 190 -3.86 19.10 -20.85
C ARG B 190 -3.36 17.75 -20.33
N ASP B 191 -2.68 17.80 -19.20
CA ASP B 191 -2.23 16.59 -18.54
C ASP B 191 -3.43 15.99 -17.83
N ALA B 192 -3.95 14.89 -18.37
CA ALA B 192 -5.11 14.17 -17.85
C ALA B 192 -4.81 13.30 -16.62
N THR B 193 -3.55 13.04 -16.30
CA THR B 193 -3.30 12.11 -15.21
C THR B 193 -2.71 12.77 -13.98
N SER B 194 -2.14 13.96 -14.09
CA SER B 194 -1.38 14.43 -12.93
C SER B 194 -2.24 14.99 -11.79
N ALA B 195 -1.64 15.15 -10.61
CA ALA B 195 -2.30 15.78 -9.48
C ALA B 195 -1.21 16.38 -8.61
N THR B 196 -1.59 17.31 -7.75
CA THR B 196 -0.65 18.01 -6.89
C THR B 196 -0.94 17.82 -5.40
N THR B 197 0.10 17.59 -4.62
CA THR B 197 -0.03 17.49 -3.19
C THR B 197 0.75 18.56 -2.51
N THR B 198 0.12 19.29 -1.61
CA THR B 198 0.82 20.27 -0.80
C THR B 198 0.59 19.94 0.66
N THR B 199 1.51 20.34 1.51
CA THR B 199 1.37 19.98 2.90
C THR B 199 1.87 21.09 3.81
N SER B 200 1.12 21.40 4.87
CA SER B 200 1.53 22.45 5.77
C SER B 200 1.57 21.83 7.18
N LEU B 201 2.68 21.94 7.86
CA LEU B 201 2.83 21.20 9.12
C LEU B 201 3.14 22.17 10.23
N GLY B 202 2.44 22.06 11.35
CA GLY B 202 2.69 22.93 12.49
C GLY B 202 3.07 22.19 13.77
N GLY B 203 3.76 22.89 14.67
CA GLY B 203 4.22 22.31 15.91
C GLY B 203 4.94 20.98 15.69
N LEU B 204 4.48 19.96 16.42
CA LEU B 204 5.10 18.63 16.42
C LEU B 204 5.04 17.98 15.04
N PHE B 205 4.01 18.26 14.25
CA PHE B 205 3.94 17.73 12.89
C PHE B 205 5.08 18.22 12.02
N LYS B 206 5.74 19.30 12.42
CA LYS B 206 6.82 19.81 11.60
C LYS B 206 8.15 19.39 12.16
N SER B 207 8.22 19.35 13.47
CA SER B 207 9.50 19.25 14.13
C SER B 207 9.75 17.88 14.73
N SER B 208 8.67 17.23 15.18
CA SER B 208 8.74 15.90 15.79
C SER B 208 8.61 14.80 14.73
N GLN B 209 9.71 14.10 14.51
CA GLN B 209 9.78 13.19 13.37
C GLN B 209 8.87 11.94 13.53
N ASN B 210 8.74 11.39 14.72
CA ASN B 210 7.67 10.40 14.90
C ASN B 210 6.24 10.95 14.61
N THR B 211 5.89 12.13 15.12
CA THR B 211 4.55 12.71 14.85
C THR B 211 4.42 13.08 13.38
N ARG B 212 5.45 13.72 12.86
CA ARG B 212 5.52 14.09 11.43
C ARG B 212 5.40 12.87 10.51
N GLN B 213 6.21 11.86 10.77
CA GLN B 213 6.11 10.65 9.94
C GLN B 213 4.75 9.96 10.08
N GLU B 214 4.18 9.95 11.28
CA GLU B 214 2.88 9.28 11.53
C GLU B 214 1.79 9.89 10.68
N PHE B 215 1.75 11.22 10.64
CA PHE B 215 0.82 11.93 9.76
C PHE B 215 1.14 11.68 8.26
N LEU B 216 2.40 11.89 7.84
CA LEU B 216 2.70 11.74 6.40
C LEU B 216 2.46 10.33 5.90
N ARG B 217 2.80 9.35 6.74
CA ARG B 217 2.58 7.95 6.35
C ARG B 217 1.10 7.66 6.22
N ALA B 218 0.30 8.30 7.07
CA ALA B 218 -1.12 8.04 7.05
C ALA B 218 -1.74 8.56 5.77
N VAL B 219 -1.27 9.72 5.30
CA VAL B 219 -1.79 10.33 4.08
C VAL B 219 -1.71 9.37 2.88
N ARG B 220 -0.49 8.91 2.61
CA ARG B 220 -0.21 7.94 1.54
C ARG B 220 -1.18 6.75 1.55
N SER C 5 -24.14 -3.32 42.16
CA SER C 5 -24.18 -4.45 43.09
C SER C 5 -24.50 -5.77 42.37
N SER C 6 -25.18 -5.67 41.22
CA SER C 6 -25.47 -6.85 40.41
C SER C 6 -24.50 -6.94 39.24
N LEU C 7 -23.32 -6.37 39.42
CA LEU C 7 -22.33 -6.35 38.35
C LEU C 7 -21.25 -7.39 38.59
N SER C 8 -20.68 -7.93 37.51
CA SER C 8 -19.53 -8.83 37.59
C SER C 8 -18.34 -8.07 38.17
N LYS C 9 -17.35 -8.79 38.71
CA LYS C 9 -16.19 -8.12 39.28
C LYS C 9 -15.42 -7.40 38.18
N GLU C 10 -15.40 -8.00 36.98
CA GLU C 10 -14.78 -7.40 35.80
C GLU C 10 -15.46 -6.06 35.46
N ALA C 11 -16.80 -6.10 35.43
CA ALA C 11 -17.57 -4.93 35.04
C ALA C 11 -17.29 -3.81 36.03
N GLU C 12 -17.23 -4.19 37.30
CA GLU C 12 -17.02 -3.24 38.38
C GLU C 12 -15.63 -2.67 38.35
N LEU C 13 -14.61 -3.51 38.12
CA LEU C 13 -13.23 -3.01 37.97
C LEU C 13 -13.16 -1.95 36.86
N VAL C 14 -13.80 -2.22 35.74
CA VAL C 14 -13.64 -1.35 34.58
C VAL C 14 -14.39 -0.02 34.82
N HIS C 15 -15.61 -0.11 35.34
CA HIS C 15 -16.38 1.10 35.66
C HIS C 15 -15.65 2.03 36.63
N GLN C 16 -15.11 1.48 37.72
CA GLN C 16 -14.34 2.30 38.68
C GLN C 16 -13.05 2.88 38.08
N ALA C 17 -12.41 2.13 37.20
CA ALA C 17 -11.17 2.58 36.58
C ALA C 17 -11.50 3.79 35.67
N LEU C 18 -12.55 3.66 34.89
CA LEU C 18 -13.07 4.77 34.11
C LEU C 18 -13.43 6.01 34.93
N LEU C 19 -14.07 5.82 36.08
CA LEU C 19 -14.50 6.92 36.92
C LEU C 19 -13.35 7.65 37.55
N ALA C 20 -12.37 6.90 38.00
CA ALA C 20 -11.18 7.48 38.62
C ALA C 20 -10.33 8.25 37.60
N ARG C 21 -10.42 7.89 36.33
CA ARG C 21 -9.71 8.60 35.26
C ARG C 21 -10.49 9.83 34.73
N GLY C 22 -11.78 9.92 35.02
CA GLY C 22 -12.61 11.02 34.56
C GLY C 22 -13.24 10.73 33.20
N LEU C 23 -13.20 9.47 32.82
CA LEU C 23 -13.54 9.01 31.49
C LEU C 23 -14.92 8.41 31.28
N GLU C 24 -15.63 8.14 32.37
N GLU C 24 -15.62 8.10 32.36
CA GLU C 24 -16.94 7.51 32.26
CA GLU C 24 -16.93 7.48 32.23
C GLU C 24 -17.87 8.39 31.43
C GLU C 24 -17.88 8.38 31.45
N THR C 25 -18.80 7.76 30.73
CA THR C 25 -19.82 8.49 29.97
C THR C 25 -20.71 9.23 31.01
N PRO C 26 -21.15 10.47 30.69
CA PRO C 26 -21.92 11.29 31.66
C PRO C 26 -23.26 10.65 32.03
N LEU C 27 -23.34 10.08 33.24
CA LEU C 27 -24.51 9.32 33.65
C LEU C 27 -25.12 9.76 34.98
N ARG C 28 -26.39 9.40 35.16
CA ARG C 28 -27.08 9.54 36.45
C ARG C 28 -27.75 8.21 36.81
N LYS C 29 -27.93 7.97 38.11
CA LYS C 29 -28.62 6.77 38.60
C LYS C 29 -30.11 6.77 38.27
N PRO C 30 -30.60 5.66 37.69
CA PRO C 30 -32.00 5.53 37.29
C PRO C 30 -32.88 5.32 38.50
N GLU C 31 -34.10 5.82 38.41
CA GLU C 31 -35.05 5.72 39.51
C GLU C 31 -36.33 5.18 38.93
N LEU C 32 -36.38 5.07 37.61
CA LEU C 32 -37.39 4.25 36.97
C LEU C 32 -36.72 3.02 36.43
N ASP C 33 -37.44 1.90 36.37
CA ASP C 33 -36.88 0.71 35.75
C ASP C 33 -36.87 0.83 34.22
N ALA C 34 -36.19 -0.11 33.56
CA ALA C 34 -35.99 0.00 32.10
C ALA C 34 -37.29 -0.10 31.31
N GLU C 35 -38.18 -1.01 31.72
CA GLU C 35 -39.49 -1.20 31.08
C GLU C 35 -40.33 0.09 31.17
N THR C 36 -40.25 0.77 32.30
CA THR C 36 -41.00 2.00 32.48
C THR C 36 -40.32 3.12 31.66
N ARG C 37 -38.99 3.14 31.64
CA ARG C 37 -38.28 4.15 30.87
C ARG C 37 -38.53 3.97 29.38
N LYS C 38 -38.63 2.73 28.92
CA LYS C 38 -39.04 2.51 27.54
C LYS C 38 -40.40 3.12 27.21
N THR C 39 -41.34 2.92 28.11
CA THR C 39 -42.69 3.42 27.92
C THR C 39 -42.74 4.94 27.88
N ARG C 40 -42.00 5.58 28.78
CA ARG C 40 -42.03 7.03 28.87
C ARG C 40 -41.33 7.64 27.63
N ILE C 41 -40.25 7.02 27.19
CA ILE C 41 -39.61 7.46 25.94
C ILE C 41 -40.57 7.28 24.77
N GLN C 42 -41.23 6.14 24.67
CA GLN C 42 -42.24 5.96 23.63
C GLN C 42 -43.26 7.11 23.59
N ALA C 43 -43.82 7.48 24.75
CA ALA C 43 -44.76 8.60 24.79
C ALA C 43 -44.17 9.89 24.24
N HIS C 44 -42.97 10.24 24.70
CA HIS C 44 -42.29 11.41 24.17
C HIS C 44 -42.02 11.32 22.63
N MET C 45 -41.58 10.16 22.13
CA MET C 45 -41.30 10.09 20.67
C MET C 45 -42.59 10.16 19.85
N THR C 46 -43.68 9.69 20.44
CA THR C 46 -45.00 9.82 19.84
C THR C 46 -45.33 11.31 19.60
N GLU C 47 -45.04 12.16 20.59
CA GLU C 47 -45.29 13.59 20.44
C GLU C 47 -44.37 14.16 19.34
N VAL C 48 -43.11 13.75 19.36
CA VAL C 48 -42.15 14.24 18.39
C VAL C 48 -42.69 14.00 16.99
N MET C 49 -43.24 12.80 16.79
CA MET C 49 -43.75 12.44 15.49
C MET C 49 -44.96 13.25 15.12
N HIS C 50 -45.81 13.53 16.10
CA HIS C 50 -46.87 14.49 15.90
C HIS C 50 -46.33 15.87 15.54
N LEU C 51 -45.26 16.28 16.20
CA LEU C 51 -44.67 17.59 15.93
C LEU C 51 -43.97 17.64 14.60
N LEU C 52 -43.81 16.49 13.95
CA LEU C 52 -43.25 16.44 12.60
C LEU C 52 -44.40 16.34 11.62
N ASN C 53 -45.63 16.45 12.12
CA ASN C 53 -46.83 16.35 11.29
C ASN C 53 -47.04 15.01 10.63
N LEU C 54 -46.45 13.97 11.19
CA LEU C 54 -46.58 12.65 10.63
C LEU C 54 -47.93 12.05 11.05
N ASP C 55 -48.54 11.25 10.19
CA ASP C 55 -49.77 10.56 10.53
C ASP C 55 -49.53 9.21 11.20
N LEU C 56 -49.72 9.14 12.51
CA LEU C 56 -49.45 7.89 13.20
C LEU C 56 -50.51 6.81 12.99
N THR C 57 -51.58 7.13 12.27
CA THR C 57 -52.57 6.11 11.97
C THR C 57 -52.12 5.12 10.89
N ASP C 58 -51.10 5.50 10.12
CA ASP C 58 -50.56 4.66 9.07
C ASP C 58 -49.89 3.42 9.63
N ASP C 59 -50.22 2.26 9.07
CA ASP C 59 -49.72 0.99 9.61
C ASP C 59 -48.20 0.96 9.70
N SER C 60 -47.52 1.58 8.74
CA SER C 60 -46.09 1.62 8.73
C SER C 60 -45.51 2.42 9.90
N LEU C 61 -46.19 3.49 10.35
CA LEU C 61 -45.61 4.39 11.38
C LEU C 61 -46.15 4.19 12.79
N ALA C 62 -47.25 3.46 12.92
CA ALA C 62 -47.96 3.44 14.20
C ALA C 62 -47.09 2.87 15.32
N ASP C 63 -46.20 1.94 14.96
CA ASP C 63 -45.39 1.23 15.94
C ASP C 63 -44.00 1.87 16.07
N THR C 64 -43.77 2.95 15.35
CA THR C 64 -42.44 3.58 15.39
C THR C 64 -41.97 4.10 16.74
N PRO C 65 -42.82 4.83 17.49
CA PRO C 65 -42.34 5.25 18.80
C PRO C 65 -41.93 4.11 19.73
N ARG C 66 -42.68 3.00 19.74
CA ARG C 66 -42.32 1.80 20.51
C ARG C 66 -40.99 1.23 19.99
N ARG C 67 -40.85 1.07 18.68
CA ARG C 67 -39.58 0.57 18.11
C ARG C 67 -38.39 1.44 18.54
N ILE C 68 -38.59 2.75 18.51
CA ILE C 68 -37.50 3.66 18.83
C ILE C 68 -37.11 3.52 20.30
N ALA C 69 -38.10 3.58 21.19
CA ALA C 69 -37.86 3.40 22.62
C ALA C 69 -37.09 2.12 22.94
N LYS C 70 -37.58 1.02 22.39
CA LYS C 70 -36.92 -0.26 22.49
C LYS C 70 -35.46 -0.14 22.01
N MET C 71 -35.28 0.47 20.84
CA MET C 71 -33.95 0.55 20.25
C MET C 71 -32.99 1.32 21.14
N TYR C 72 -33.44 2.49 21.64
CA TYR C 72 -32.63 3.29 22.53
C TYR C 72 -32.19 2.54 23.79
N VAL C 73 -33.16 2.03 24.58
CA VAL C 73 -32.83 1.42 25.88
C VAL C 73 -32.14 0.03 25.82
N ASP C 74 -32.60 -0.82 24.92
CA ASP C 74 -32.16 -2.21 24.85
C ASP C 74 -31.13 -2.54 23.75
N GLU C 75 -30.99 -1.65 22.76
N GLU C 75 -31.03 -1.72 22.69
CA GLU C 75 -30.23 -1.94 21.56
CA GLU C 75 -30.04 -2.00 21.66
C GLU C 75 -28.99 -1.05 21.42
C GLU C 75 -28.95 -0.95 21.62
N ILE C 76 -29.18 0.17 20.94
CA ILE C 76 -28.06 1.06 20.65
C ILE C 76 -27.41 1.75 21.85
N PHE C 77 -28.10 1.86 22.97
CA PHE C 77 -27.49 2.46 24.16
C PHE C 77 -27.39 1.45 25.31
N SER C 78 -27.39 0.16 24.93
CA SER C 78 -27.32 -0.91 25.90
C SER C 78 -26.01 -0.85 26.68
N GLY C 79 -24.99 -0.23 26.10
CA GLY C 79 -23.70 -0.14 26.77
C GLY C 79 -23.65 0.85 27.92
N LEU C 80 -24.77 1.54 28.17
CA LEU C 80 -24.87 2.46 29.31
C LEU C 80 -25.12 1.65 30.60
N ASP C 81 -25.54 0.40 30.43
CA ASP C 81 -25.84 -0.49 31.55
C ASP C 81 -24.77 -1.57 31.73
N TYR C 82 -24.01 -1.49 32.82
CA TYR C 82 -22.92 -2.44 33.02
C TYR C 82 -23.33 -3.90 33.30
N GLU C 83 -24.63 -4.17 33.48
CA GLU C 83 -25.13 -5.55 33.56
C GLU C 83 -25.01 -6.21 32.19
N ASN C 84 -24.75 -5.38 31.16
CA ASN C 84 -24.63 -5.85 29.81
C ASN C 84 -23.17 -6.02 29.41
N PHE C 85 -22.28 -5.84 30.37
CA PHE C 85 -20.85 -5.90 30.07
C PHE C 85 -20.50 -7.36 29.72
N PRO C 86 -19.60 -7.61 28.77
CA PRO C 86 -19.48 -9.03 28.42
C PRO C 86 -18.81 -9.86 29.51
N LYS C 87 -19.10 -11.16 29.59
CA LYS C 87 -18.35 -12.03 30.48
C LYS C 87 -16.91 -12.19 29.98
N ILE C 88 -15.95 -12.09 30.88
CA ILE C 88 -14.55 -12.09 30.45
C ILE C 88 -13.87 -13.44 30.67
N THR C 89 -13.27 -13.96 29.60
CA THR C 89 -12.53 -15.21 29.71
C THR C 89 -11.04 -14.96 29.40
N LEU C 90 -10.19 -15.48 30.29
CA LEU C 90 -8.74 -15.32 30.21
C LEU C 90 -8.13 -16.69 30.40
N ILE C 91 -7.09 -16.98 29.64
CA ILE C 91 -6.27 -18.18 29.90
C ILE C 91 -4.88 -17.69 30.27
N GLN C 92 -4.12 -18.51 30.97
N GLN C 92 -4.13 -18.53 30.96
CA GLN C 92 -2.77 -18.11 31.34
CA GLN C 92 -2.75 -18.21 31.29
C GLN C 92 -1.81 -18.18 30.16
C GLN C 92 -1.94 -18.04 30.01
N ASN C 93 -0.92 -17.19 30.07
CA ASN C 93 0.04 -17.07 28.97
C ASN C 93 1.15 -18.10 29.13
N LYS C 94 0.78 -19.38 29.15
CA LYS C 94 1.72 -20.50 29.24
C LYS C 94 2.64 -20.57 28.00
N MET C 95 2.12 -20.13 26.87
CA MET C 95 2.87 -20.15 25.61
C MET C 95 3.82 -18.94 25.50
N LYS C 96 3.68 -17.99 26.44
CA LYS C 96 4.65 -16.92 26.66
C LYS C 96 4.84 -16.02 25.43
N VAL C 97 3.74 -15.68 24.78
CA VAL C 97 3.71 -14.62 23.79
C VAL C 97 4.17 -13.29 24.41
N ASP C 98 5.07 -12.60 23.70
CA ASP C 98 5.65 -11.33 24.16
C ASP C 98 5.76 -10.38 22.98
N GLU C 99 5.03 -10.71 21.93
CA GLU C 99 4.85 -9.88 20.76
C GLU C 99 3.35 -9.56 20.69
N MET C 100 3.01 -8.45 20.08
CA MET C 100 1.63 -8.02 20.10
C MET C 100 0.72 -8.99 19.37
N VAL C 101 -0.48 -9.11 19.90
CA VAL C 101 -1.57 -9.76 19.21
C VAL C 101 -2.49 -8.65 18.70
N THR C 102 -2.88 -8.73 17.43
CA THR C 102 -3.71 -7.69 16.80
C THR C 102 -5.02 -8.22 16.25
N VAL C 103 -6.13 -7.64 16.71
CA VAL C 103 -7.42 -7.90 16.10
C VAL C 103 -7.79 -6.67 15.32
N ARG C 104 -7.96 -6.82 14.02
CA ARG C 104 -8.24 -5.67 13.18
C ARG C 104 -9.60 -5.81 12.56
N ASP C 105 -10.08 -4.69 12.02
CA ASP C 105 -11.35 -4.60 11.30
C ASP C 105 -12.52 -5.10 12.12
N ILE C 106 -12.49 -4.77 13.38
CA ILE C 106 -13.62 -5.06 14.26
C ILE C 106 -14.82 -4.18 13.91
N THR C 107 -15.97 -4.80 13.64
CA THR C 107 -17.18 -4.05 13.35
C THR C 107 -17.56 -3.17 14.53
N LEU C 108 -17.78 -1.89 14.24
N LEU C 108 -17.76 -1.89 14.27
CA LEU C 108 -18.08 -0.87 15.25
CA LEU C 108 -18.13 -0.95 15.33
C LEU C 108 -19.30 -0.11 14.78
C LEU C 108 -19.26 -0.06 14.84
N THR C 109 -20.34 -0.02 15.61
CA THR C 109 -21.44 0.87 15.29
C THR C 109 -21.81 1.63 16.55
N SER C 110 -21.88 2.95 16.43
CA SER C 110 -22.16 3.77 17.60
C SER C 110 -23.12 4.88 17.24
N THR C 111 -23.18 5.89 18.10
CA THR C 111 -24.10 6.98 17.88
C THR C 111 -23.43 8.23 18.39
N CYS C 112 -23.33 9.26 17.54
CA CYS C 112 -22.66 10.47 18.02
C CYS C 112 -23.54 11.19 19.03
N GLU C 113 -22.94 11.71 20.08
CA GLU C 113 -23.73 12.24 21.15
C GLU C 113 -24.25 13.65 20.89
N HIS C 114 -23.80 14.29 19.80
CA HIS C 114 -24.25 15.67 19.54
C HIS C 114 -25.47 15.74 18.65
N HIS C 115 -25.73 14.71 17.87
CA HIS C 115 -26.88 14.72 16.97
C HIS C 115 -27.72 13.44 17.03
N PHE C 116 -27.25 12.48 17.81
CA PHE C 116 -27.92 11.17 17.92
C PHE C 116 -28.12 10.49 16.56
N VAL C 117 -27.10 10.52 15.71
CA VAL C 117 -27.20 9.70 14.52
C VAL C 117 -26.00 8.73 14.40
N THR C 118 -26.18 7.74 13.55
CA THR C 118 -25.23 6.66 13.38
C THR C 118 -23.77 7.05 13.17
N ILE C 119 -22.89 6.39 13.91
CA ILE C 119 -21.48 6.26 13.56
C ILE C 119 -21.18 4.85 13.08
N ASP C 120 -20.57 4.75 11.89
CA ASP C 120 -20.22 3.46 11.33
C ASP C 120 -18.69 3.33 11.15
N GLY C 121 -18.05 2.39 11.84
CA GLY C 121 -16.62 2.29 11.80
C GLY C 121 -16.02 0.90 11.97
N LYS C 122 -14.69 0.88 12.07
CA LYS C 122 -13.94 -0.35 12.31
C LYS C 122 -12.92 -0.01 13.39
N ALA C 123 -12.75 -0.88 14.37
CA ALA C 123 -11.66 -0.68 15.32
C ALA C 123 -10.49 -1.64 15.03
N THR C 124 -9.27 -1.23 15.37
CA THR C 124 -8.17 -2.15 15.44
C THR C 124 -7.58 -2.08 16.82
N VAL C 125 -7.45 -3.26 17.45
CA VAL C 125 -6.95 -3.34 18.82
C VAL C 125 -5.74 -4.26 18.92
N ALA C 126 -4.70 -3.80 19.62
CA ALA C 126 -3.62 -4.71 19.90
C ALA C 126 -3.15 -4.60 21.31
N TYR C 127 -2.54 -5.67 21.79
CA TYR C 127 -1.95 -5.69 23.11
C TYR C 127 -0.80 -6.69 23.18
N ILE C 128 0.10 -6.48 24.13
CA ILE C 128 1.12 -7.45 24.44
C ILE C 128 0.74 -8.18 25.74
N PRO C 129 0.32 -9.45 25.63
CA PRO C 129 -0.08 -10.29 26.77
C PRO C 129 0.99 -10.26 27.83
N LYS C 130 0.61 -10.09 29.08
CA LYS C 130 1.59 -10.27 30.12
C LYS C 130 1.36 -11.66 30.74
N ASP C 131 0.53 -11.73 31.79
CA ASP C 131 0.18 -13.01 32.45
C ASP C 131 -1.00 -13.72 31.77
N SER C 132 -1.88 -12.94 31.14
CA SER C 132 -3.14 -13.42 30.61
C SER C 132 -3.29 -13.16 29.11
N VAL C 133 -3.92 -14.11 28.43
CA VAL C 133 -4.28 -13.98 27.04
C VAL C 133 -5.80 -14.03 26.98
N ILE C 134 -6.40 -13.04 26.34
CA ILE C 134 -7.86 -12.91 26.38
C ILE C 134 -8.50 -13.70 25.24
N GLY C 135 -9.69 -14.22 25.48
CA GLY C 135 -10.46 -14.78 24.40
C GLY C 135 -10.70 -13.72 23.33
N LEU C 136 -10.30 -14.03 22.09
CA LEU C 136 -10.35 -13.06 20.99
C LEU C 136 -11.68 -12.36 20.91
N SER C 137 -12.76 -13.11 21.00
CA SER C 137 -14.07 -12.52 20.76
C SER C 137 -14.45 -11.48 21.84
N LYS C 138 -13.81 -11.56 23.00
CA LYS C 138 -14.08 -10.60 24.07
C LYS C 138 -13.56 -9.22 23.73
N ILE C 139 -12.54 -9.18 22.87
CA ILE C 139 -12.07 -7.91 22.38
C ILE C 139 -13.17 -7.22 21.56
N ASN C 140 -13.77 -7.91 20.60
CA ASN C 140 -14.84 -7.32 19.79
C ASN C 140 -16.02 -6.91 20.69
N ARG C 141 -16.30 -7.72 21.71
CA ARG C 141 -17.44 -7.48 22.60
C ARG C 141 -17.22 -6.21 23.44
N ILE C 142 -16.00 -5.99 23.89
CA ILE C 142 -15.70 -4.79 24.68
C ILE C 142 -15.76 -3.50 23.88
N VAL C 143 -15.32 -3.58 22.62
CA VAL C 143 -15.37 -2.46 21.70
C VAL C 143 -16.83 -2.14 21.45
N GLN C 144 -17.60 -3.15 21.05
CA GLN C 144 -19.03 -2.95 20.86
C GLN C 144 -19.79 -2.49 22.11
N PHE C 145 -19.39 -2.95 23.30
CA PHE C 145 -20.06 -2.49 24.53
C PHE C 145 -19.91 -0.95 24.66
N PHE C 146 -18.69 -0.43 24.57
CA PHE C 146 -18.50 1.02 24.72
C PHE C 146 -19.10 1.81 23.58
N ALA C 147 -19.24 1.17 22.42
CA ALA C 147 -19.79 1.84 21.24
C ALA C 147 -21.32 1.98 21.33
N GLN C 148 -21.96 1.08 22.07
CA GLN C 148 -23.40 1.18 22.27
C GLN C 148 -23.69 2.23 23.35
N ARG C 149 -23.22 3.45 23.10
CA ARG C 149 -23.52 4.61 23.92
C ARG C 149 -23.53 5.80 22.98
N PRO C 150 -24.16 6.89 23.39
CA PRO C 150 -23.96 8.14 22.66
C PRO C 150 -22.49 8.46 22.87
N GLN C 151 -21.78 8.79 21.81
CA GLN C 151 -20.34 8.91 21.91
C GLN C 151 -19.72 10.10 21.20
N VAL C 152 -18.52 10.42 21.64
CA VAL C 152 -17.57 11.22 20.91
C VAL C 152 -16.44 10.23 20.62
N GLN C 153 -15.98 10.18 19.38
CA GLN C 153 -15.05 9.14 18.98
C GLN C 153 -13.77 9.17 19.79
N GLU C 154 -13.27 10.37 20.05
CA GLU C 154 -12.17 10.59 20.96
C GLU C 154 -12.33 9.91 22.35
N ARG C 155 -13.45 10.12 23.02
CA ARG C 155 -13.71 9.44 24.31
C ARG C 155 -13.87 7.92 24.15
N LEU C 156 -14.58 7.50 23.10
CA LEU C 156 -14.79 6.09 22.88
C LEU C 156 -13.45 5.28 22.82
N THR C 157 -12.45 5.82 22.11
CA THR C 157 -11.16 5.17 21.95
C THR C 157 -10.43 5.06 23.27
N GLN C 158 -10.49 6.11 24.07
CA GLN C 158 -9.87 6.13 25.39
C GLN C 158 -10.54 5.12 26.34
N GLN C 159 -11.85 4.99 26.24
CA GLN C 159 -12.61 4.11 27.12
C GLN C 159 -12.23 2.68 26.83
N ILE C 160 -12.25 2.30 25.55
CA ILE C 160 -11.90 0.92 25.18
C ILE C 160 -10.46 0.59 25.61
N LEU C 161 -9.57 1.55 25.49
CA LEU C 161 -8.17 1.33 25.88
C LEU C 161 -8.07 1.03 27.39
N LEU C 162 -8.63 1.92 28.22
CA LEU C 162 -8.50 1.78 29.66
C LEU C 162 -9.17 0.49 30.15
N ALA C 163 -10.32 0.16 29.56
CA ALA C 163 -11.01 -1.07 29.90
C ALA C 163 -10.11 -2.27 29.63
N LEU C 164 -9.49 -2.34 28.45
CA LEU C 164 -8.62 -3.47 28.13
C LEU C 164 -7.36 -3.53 29.00
N GLN C 165 -6.74 -2.38 29.27
CA GLN C 165 -5.62 -2.35 30.18
C GLN C 165 -6.03 -2.97 31.54
N THR C 166 -7.21 -2.60 32.01
CA THR C 166 -7.68 -3.04 33.30
C THR C 166 -7.90 -4.55 33.36
N LEU C 167 -8.48 -5.14 32.31
CA LEU C 167 -8.85 -6.56 32.33
C LEU C 167 -7.63 -7.43 32.07
N LEU C 168 -6.68 -6.89 31.32
CA LEU C 168 -5.55 -7.68 30.85
C LEU C 168 -4.43 -7.59 31.82
N GLY C 169 -4.55 -6.65 32.76
CA GLY C 169 -3.52 -6.41 33.76
C GLY C 169 -2.21 -5.90 33.18
N THR C 170 -2.29 -5.17 32.07
CA THR C 170 -1.11 -4.56 31.48
C THR C 170 -1.42 -3.22 30.78
N ASN C 171 -0.43 -2.33 30.79
CA ASN C 171 -0.58 -1.07 30.08
C ASN C 171 -0.37 -1.19 28.55
N ASN C 172 0.29 -2.26 28.12
CA ASN C 172 0.59 -2.42 26.71
C ASN C 172 -0.60 -2.83 25.86
N VAL C 173 -1.46 -1.84 25.59
CA VAL C 173 -2.62 -1.97 24.73
C VAL C 173 -2.63 -0.77 23.74
N ALA C 174 -3.18 -0.94 22.54
CA ALA C 174 -3.39 0.19 21.64
C ALA C 174 -4.74 0.05 20.99
N VAL C 175 -5.43 1.17 20.77
CA VAL C 175 -6.72 1.16 20.11
C VAL C 175 -6.75 2.21 18.99
N SER C 176 -7.23 1.82 17.82
CA SER C 176 -7.43 2.77 16.74
C SER C 176 -8.81 2.55 16.16
N ILE C 177 -9.50 3.65 15.88
CA ILE C 177 -10.83 3.56 15.30
C ILE C 177 -10.90 4.45 14.09
N ASP C 178 -11.47 3.93 13.03
CA ASP C 178 -11.69 4.69 11.84
C ASP C 178 -13.17 4.63 11.52
N ALA C 179 -13.83 5.77 11.40
CA ALA C 179 -15.29 5.78 11.29
C ALA C 179 -15.89 6.91 10.41
N VAL C 180 -17.04 6.60 9.79
CA VAL C 180 -17.87 7.55 9.08
C VAL C 180 -18.91 8.02 10.07
N HIS C 181 -19.02 9.33 10.19
CA HIS C 181 -20.01 9.97 11.05
C HIS C 181 -21.16 10.50 10.24
N TYR C 182 -22.36 9.98 10.43
CA TYR C 182 -23.46 10.48 9.63
C TYR C 182 -23.94 11.89 10.00
N CYS C 183 -23.53 12.39 11.16
N CYS C 183 -23.51 12.41 11.14
CA CYS C 183 -23.72 13.80 11.52
CA CYS C 183 -23.75 13.81 11.47
C CYS C 183 -22.94 14.72 10.53
C CYS C 183 -22.86 14.74 10.62
N VAL C 184 -21.93 14.14 9.89
CA VAL C 184 -21.10 14.86 8.94
C VAL C 184 -21.55 14.55 7.52
N LYS C 185 -21.83 13.27 7.28
CA LYS C 185 -22.24 12.81 5.96
C LYS C 185 -23.68 13.14 5.60
N ALA C 186 -24.63 12.98 6.53
CA ALA C 186 -26.02 13.09 6.11
C ALA C 186 -26.77 14.40 6.46
N ARG C 187 -26.10 15.32 7.11
CA ARG C 187 -26.68 16.66 7.43
C ARG C 187 -25.55 17.66 7.43
N GLY C 188 -25.87 18.94 7.58
CA GLY C 188 -24.87 19.96 7.76
C GLY C 188 -24.03 20.09 6.50
N ILE C 189 -22.72 19.87 6.61
CA ILE C 189 -21.81 20.00 5.45
C ILE C 189 -22.04 18.87 4.41
N ARG C 190 -22.57 17.74 4.88
CA ARG C 190 -22.91 16.62 4.00
C ARG C 190 -21.69 16.15 3.17
N ASP C 191 -20.59 15.90 3.87
CA ASP C 191 -19.38 15.43 3.21
C ASP C 191 -19.51 13.91 2.96
N ALA C 192 -19.74 13.52 1.71
CA ALA C 192 -19.92 12.11 1.37
C ALA C 192 -18.64 11.28 1.43
N THR C 193 -17.51 11.89 1.70
CA THR C 193 -16.29 11.11 1.54
C THR C 193 -15.44 11.01 2.77
N SER C 194 -15.60 11.90 3.73
CA SER C 194 -14.57 11.95 4.76
C SER C 194 -14.75 10.87 5.81
N ALA C 195 -13.71 10.65 6.60
CA ALA C 195 -13.72 9.67 7.67
C ALA C 195 -12.75 10.18 8.70
N THR C 196 -12.99 9.79 9.95
CA THR C 196 -12.16 10.20 11.09
C THR C 196 -11.42 9.01 11.74
N THR C 197 -10.14 9.19 12.01
CA THR C 197 -9.35 8.17 12.66
C THR C 197 -8.88 8.73 13.97
N THR C 198 -9.03 7.96 15.04
CA THR C 198 -8.51 8.33 16.34
C THR C 198 -7.68 7.20 16.88
N THR C 199 -6.74 7.53 17.74
CA THR C 199 -5.84 6.53 18.25
C THR C 199 -5.62 6.75 19.73
N SER C 200 -5.59 5.67 20.50
CA SER C 200 -5.20 5.78 21.90
C SER C 200 -4.16 4.70 22.14
N LEU C 201 -3.01 5.08 22.68
CA LEU C 201 -1.90 4.16 22.82
C LEU C 201 -1.43 4.14 24.25
N GLY C 202 -1.28 2.95 24.81
CA GLY C 202 -0.73 2.82 26.15
C GLY C 202 0.55 2.00 26.21
N GLY C 203 1.30 2.24 27.28
CA GLY C 203 2.51 1.50 27.53
C GLY C 203 3.50 1.66 26.40
N LEU C 204 4.02 0.54 25.92
CA LEU C 204 5.05 0.49 24.89
C LEU C 204 4.57 1.03 23.55
N PHE C 205 3.28 0.91 23.30
CA PHE C 205 2.66 1.46 22.09
C PHE C 205 2.73 2.97 22.06
N LYS C 206 2.88 3.58 23.22
CA LYS C 206 2.94 5.04 23.25
C LYS C 206 4.37 5.44 23.24
N SER C 207 5.18 4.62 23.88
CA SER C 207 6.51 5.09 24.25
C SER C 207 7.67 4.38 23.58
N SER C 208 7.41 3.22 22.98
CA SER C 208 8.45 2.46 22.28
C SER C 208 8.24 2.64 20.79
N GLN C 209 9.16 3.36 20.15
N GLN C 209 9.14 3.37 20.13
CA GLN C 209 9.02 3.72 18.74
CA GLN C 209 8.94 3.72 18.72
C GLN C 209 8.84 2.50 17.83
C GLN C 209 8.86 2.49 17.79
N ASN C 210 9.61 1.44 18.07
CA ASN C 210 9.38 0.20 17.32
C ASN C 210 8.00 -0.45 17.58
N THR C 211 7.58 -0.64 18.83
CA THR C 211 6.22 -1.12 19.12
C THR C 211 5.16 -0.16 18.55
N ARG C 212 5.34 1.13 18.83
CA ARG C 212 4.44 2.17 18.33
C ARG C 212 4.35 2.17 16.79
N GLN C 213 5.49 2.20 16.12
CA GLN C 213 5.41 2.23 14.66
C GLN C 213 4.92 0.90 14.08
N GLU C 214 5.22 -0.22 14.71
CA GLU C 214 4.73 -1.53 14.25
C GLU C 214 3.20 -1.58 14.26
N PHE C 215 2.62 -1.17 15.38
CA PHE C 215 1.17 -0.96 15.45
C PHE C 215 0.62 0.00 14.41
N LEU C 216 1.14 1.24 14.38
CA LEU C 216 0.63 2.27 13.48
C LEU C 216 0.79 1.89 12.02
N ARG C 217 1.91 1.27 11.67
CA ARG C 217 2.14 0.94 10.24
C ARG C 217 1.10 -0.11 9.86
N ALA C 218 0.71 -0.94 10.82
CA ALA C 218 -0.16 -2.05 10.49
C ALA C 218 -1.59 -1.59 10.27
N VAL C 219 -2.03 -0.60 11.03
CA VAL C 219 -3.33 0.01 10.80
C VAL C 219 -3.40 0.64 9.39
N ARG C 220 -2.38 1.45 9.04
CA ARG C 220 -2.36 2.30 7.83
C ARG C 220 -2.83 1.61 6.56
N HIS C 221 -2.56 0.30 6.48
CA HIS C 221 -2.79 -0.48 5.27
C HIS C 221 -4.27 -0.69 4.97
N HIS C 222 -5.06 -0.90 6.01
CA HIS C 222 -6.49 -1.19 5.83
C HIS C 222 -7.43 0.03 5.86
N GLY C 223 -7.16 1.02 6.72
CA GLY C 223 -7.94 2.24 6.72
C GLY C 223 -7.10 3.52 6.78
N SER D 5 9.64 -42.99 19.76
CA SER D 5 10.09 -44.37 19.57
C SER D 5 9.93 -44.80 18.11
N SER D 6 8.74 -44.56 17.57
CA SER D 6 8.45 -44.84 16.17
C SER D 6 8.43 -43.52 15.38
N LEU D 7 9.26 -42.57 15.81
CA LEU D 7 9.29 -41.26 15.17
C LEU D 7 10.59 -41.09 14.41
N SER D 8 10.58 -40.16 13.46
CA SER D 8 11.79 -39.71 12.80
C SER D 8 12.58 -38.90 13.81
N LYS D 9 13.90 -38.84 13.65
CA LYS D 9 14.75 -38.04 14.51
C LYS D 9 14.25 -36.59 14.55
N GLU D 10 13.85 -36.07 13.40
CA GLU D 10 13.34 -34.71 13.28
C GLU D 10 12.09 -34.50 14.14
N ALA D 11 11.17 -35.46 14.04
CA ALA D 11 9.92 -35.41 14.79
C ALA D 11 10.22 -35.37 16.29
N GLU D 12 11.22 -36.16 16.68
CA GLU D 12 11.64 -36.29 18.06
C GLU D 12 12.38 -35.05 18.57
N LEU D 13 13.30 -34.52 17.76
CA LEU D 13 13.90 -33.23 18.09
C LEU D 13 12.84 -32.13 18.32
N VAL D 14 11.81 -32.10 17.48
CA VAL D 14 10.89 -30.97 17.58
C VAL D 14 9.99 -31.13 18.80
N HIS D 15 9.40 -32.31 18.93
CA HIS D 15 8.63 -32.70 20.11
C HIS D 15 9.36 -32.40 21.42
N GLN D 16 10.58 -32.91 21.56
CA GLN D 16 11.40 -32.65 22.75
C GLN D 16 11.63 -31.16 23.03
N ALA D 17 11.92 -30.40 21.98
CA ALA D 17 12.20 -28.99 22.13
C ALA D 17 10.94 -28.22 22.58
N LEU D 18 9.77 -28.64 22.09
CA LEU D 18 8.51 -28.04 22.48
C LEU D 18 8.12 -28.43 23.90
N LEU D 19 8.51 -29.63 24.31
CA LEU D 19 8.19 -30.09 25.65
C LEU D 19 8.96 -29.31 26.67
N ALA D 20 10.23 -29.04 26.40
CA ALA D 20 11.08 -28.34 27.35
C ALA D 20 10.63 -26.88 27.53
N ARG D 21 10.14 -26.28 26.46
CA ARG D 21 9.74 -24.87 26.45
C ARG D 21 8.35 -24.68 27.07
N GLY D 22 7.60 -25.77 27.21
CA GLY D 22 6.26 -25.72 27.78
C GLY D 22 5.22 -25.43 26.74
N LEU D 23 5.52 -25.76 25.49
CA LEU D 23 4.73 -25.32 24.35
C LEU D 23 3.86 -26.40 23.74
N GLU D 24 3.99 -27.63 24.19
CA GLU D 24 3.21 -28.68 23.53
C GLU D 24 1.70 -28.50 23.69
N THR D 25 0.95 -28.99 22.70
CA THR D 25 -0.51 -29.06 22.79
C THR D 25 -0.83 -30.04 23.93
N PRO D 26 -1.74 -29.63 24.84
CA PRO D 26 -2.03 -30.45 26.04
C PRO D 26 -2.50 -31.88 25.68
N LEU D 27 -1.61 -32.86 25.86
CA LEU D 27 -1.89 -34.26 25.49
C LEU D 27 -1.62 -35.23 26.64
N ARG D 28 -1.98 -36.49 26.43
CA ARG D 28 -1.55 -37.58 27.29
C ARG D 28 -1.50 -38.85 26.43
N LYS D 29 -0.85 -39.90 26.92
CA LYS D 29 -0.64 -41.13 26.13
C LYS D 29 -1.93 -41.89 25.83
N PRO D 30 -2.04 -42.48 24.62
CA PRO D 30 -3.26 -43.22 24.21
C PRO D 30 -3.33 -44.64 24.77
N GLU D 31 -4.53 -45.07 25.15
CA GLU D 31 -4.72 -46.40 25.70
C GLU D 31 -5.39 -47.25 24.65
N LEU D 32 -6.06 -46.59 23.72
CA LEU D 32 -6.73 -47.29 22.63
C LEU D 32 -6.03 -46.97 21.32
N ASP D 33 -6.22 -47.83 20.33
CA ASP D 33 -5.63 -47.60 19.02
C ASP D 33 -6.49 -46.59 18.27
N ALA D 34 -5.99 -46.07 17.15
CA ALA D 34 -6.72 -45.05 16.39
C ALA D 34 -8.08 -45.57 15.91
N GLU D 35 -8.10 -46.84 15.49
CA GLU D 35 -9.30 -47.46 14.93
C GLU D 35 -10.39 -47.62 15.98
N THR D 36 -10.02 -48.05 17.19
CA THR D 36 -10.98 -48.13 18.28
C THR D 36 -11.51 -46.75 18.66
N ARG D 37 -10.61 -45.79 18.82
CA ARG D 37 -11.00 -44.40 19.14
C ARG D 37 -11.92 -43.78 18.10
N LYS D 38 -11.74 -44.11 16.82
CA LYS D 38 -12.67 -43.63 15.79
C LYS D 38 -14.07 -44.21 15.98
N THR D 39 -14.13 -45.51 16.25
CA THR D 39 -15.38 -46.21 16.54
C THR D 39 -16.12 -45.63 17.74
N ARG D 40 -15.39 -45.32 18.80
CA ARG D 40 -15.98 -44.77 20.01
C ARG D 40 -16.45 -43.33 19.75
N ILE D 41 -15.63 -42.54 19.05
CA ILE D 41 -16.03 -41.18 18.68
C ILE D 41 -17.29 -41.18 17.81
N GLN D 42 -17.38 -42.11 16.87
CA GLN D 42 -18.60 -42.24 16.11
C GLN D 42 -19.83 -42.52 17.02
N ALA D 43 -19.65 -43.37 18.05
CA ALA D 43 -20.74 -43.61 19.01
C ALA D 43 -21.17 -42.34 19.78
N HIS D 44 -20.21 -41.58 20.31
CA HIS D 44 -20.55 -40.31 20.94
C HIS D 44 -21.22 -39.30 20.01
N MET D 45 -20.72 -39.18 18.78
CA MET D 45 -21.27 -38.19 17.84
C MET D 45 -22.66 -38.60 17.37
N THR D 46 -22.85 -39.91 17.23
CA THR D 46 -24.16 -40.50 17.00
C THR D 46 -25.17 -40.00 18.02
N GLU D 47 -24.81 -40.03 19.30
CA GLU D 47 -25.71 -39.65 20.40
C GLU D 47 -25.99 -38.12 20.45
N VAL D 48 -24.93 -37.35 20.22
CA VAL D 48 -25.02 -35.89 20.13
C VAL D 48 -26.03 -35.48 19.07
N MET D 49 -26.00 -36.18 17.94
CA MET D 49 -26.88 -35.85 16.85
C MET D 49 -28.27 -36.22 17.23
N HIS D 50 -28.40 -37.38 17.88
CA HIS D 50 -29.67 -37.75 18.46
C HIS D 50 -30.16 -36.73 19.50
N LEU D 51 -29.26 -36.23 20.31
CA LEU D 51 -29.65 -35.30 21.36
C LEU D 51 -29.93 -33.89 20.77
N LEU D 52 -29.62 -33.71 19.49
CA LEU D 52 -29.95 -32.45 18.82
C LEU D 52 -31.34 -32.53 18.17
N ASN D 53 -32.00 -33.69 18.34
CA ASN D 53 -33.28 -34.01 17.72
C ASN D 53 -33.19 -34.31 16.22
N LEU D 54 -32.00 -34.65 15.75
CA LEU D 54 -31.86 -34.96 14.35
C LEU D 54 -32.28 -36.38 14.07
N ASP D 55 -32.75 -36.62 12.85
CA ASP D 55 -33.31 -37.93 12.49
C ASP D 55 -32.31 -38.77 11.68
N LEU D 56 -31.64 -39.71 12.34
CA LEU D 56 -30.57 -40.48 11.71
C LEU D 56 -31.05 -41.50 10.69
N THR D 57 -32.36 -41.63 10.50
CA THR D 57 -32.82 -42.53 9.44
C THR D 57 -32.69 -41.85 8.08
N ASP D 58 -32.41 -40.55 8.10
CA ASP D 58 -32.19 -39.83 6.85
C ASP D 58 -30.90 -40.29 6.18
N ASP D 59 -30.96 -40.62 4.89
N ASP D 59 -30.96 -40.62 4.89
CA ASP D 59 -29.79 -41.10 4.17
CA ASP D 59 -29.78 -41.06 4.14
C ASP D 59 -28.64 -40.06 4.09
C ASP D 59 -28.63 -40.05 4.23
N SER D 60 -28.95 -38.77 4.18
CA SER D 60 -27.90 -37.76 4.18
C SER D 60 -27.20 -37.61 5.53
N LEU D 61 -27.91 -37.81 6.64
CA LEU D 61 -27.33 -37.71 7.98
C LEU D 61 -26.76 -39.04 8.52
N ALA D 62 -27.21 -40.15 7.97
CA ALA D 62 -26.92 -41.47 8.55
C ALA D 62 -25.43 -41.72 8.77
N ASP D 63 -24.62 -41.29 7.83
CA ASP D 63 -23.20 -41.60 7.91
C ASP D 63 -22.40 -40.51 8.59
N THR D 64 -23.06 -39.46 9.06
CA THR D 64 -22.34 -38.32 9.63
C THR D 64 -21.46 -38.63 10.85
N PRO D 65 -21.97 -39.38 11.84
CA PRO D 65 -21.11 -39.77 12.96
C PRO D 65 -19.78 -40.41 12.50
N ARG D 66 -19.83 -41.31 11.53
CA ARG D 66 -18.64 -41.96 11.04
C ARG D 66 -17.72 -40.94 10.32
N ARG D 67 -18.29 -40.07 9.50
CA ARG D 67 -17.50 -39.01 8.83
C ARG D 67 -16.79 -38.10 9.85
N ILE D 68 -17.47 -37.70 10.92
CA ILE D 68 -16.86 -36.79 11.85
C ILE D 68 -15.69 -37.48 12.54
N ALA D 69 -15.92 -38.74 12.92
CA ALA D 69 -14.95 -39.46 13.71
C ALA D 69 -13.71 -39.59 12.88
N LYS D 70 -13.90 -39.95 11.62
CA LYS D 70 -12.81 -40.02 10.64
C LYS D 70 -12.06 -38.68 10.53
N MET D 71 -12.81 -37.61 10.30
CA MET D 71 -12.26 -36.26 10.22
C MET D 71 -11.45 -35.83 11.44
N TYR D 72 -11.98 -36.06 12.65
CA TYR D 72 -11.23 -35.73 13.84
C TYR D 72 -9.89 -36.46 13.90
N VAL D 73 -9.91 -37.78 13.93
CA VAL D 73 -8.69 -38.55 14.17
C VAL D 73 -7.65 -38.47 13.04
N ASP D 74 -8.11 -38.53 11.80
CA ASP D 74 -7.23 -38.68 10.65
C ASP D 74 -7.00 -37.44 9.80
N GLU D 75 -7.81 -36.40 10.02
N GLU D 75 -7.84 -36.41 9.96
CA GLU D 75 -7.77 -35.21 9.17
CA GLU D 75 -7.61 -35.17 9.19
C GLU D 75 -7.45 -33.94 9.96
C GLU D 75 -7.39 -33.94 10.07
N ILE D 76 -8.45 -33.32 10.57
CA ILE D 76 -8.23 -32.01 11.17
C ILE D 76 -7.41 -32.01 12.44
N PHE D 77 -7.34 -33.15 13.13
CA PHE D 77 -6.46 -33.22 14.32
C PHE D 77 -5.29 -34.18 14.13
N SER D 78 -4.87 -34.36 12.89
CA SER D 78 -3.86 -35.34 12.57
C SER D 78 -2.49 -34.88 13.04
N GLY D 79 -2.39 -33.58 13.34
CA GLY D 79 -1.14 -32.99 13.78
C GLY D 79 -0.85 -33.33 15.23
N LEU D 80 -1.77 -34.04 15.88
CA LEU D 80 -1.55 -34.46 17.26
C LEU D 80 -0.66 -35.70 17.31
N ASP D 81 -0.48 -36.37 16.17
CA ASP D 81 0.27 -37.65 16.09
C ASP D 81 1.61 -37.35 15.38
N TYR D 82 2.70 -37.45 16.11
CA TYR D 82 3.99 -37.09 15.52
C TYR D 82 4.47 -38.09 14.47
N GLU D 83 3.74 -39.19 14.31
CA GLU D 83 4.00 -40.07 13.19
C GLU D 83 3.56 -39.41 11.88
N ASN D 84 2.79 -38.34 12.01
CA ASN D 84 2.30 -37.64 10.84
C ASN D 84 3.16 -36.46 10.49
N PHE D 85 4.34 -36.37 11.09
CA PHE D 85 5.20 -35.18 10.96
C PHE D 85 5.90 -35.21 9.59
N PRO D 86 6.09 -34.04 8.93
CA PRO D 86 6.69 -34.12 7.59
C PRO D 86 8.11 -34.62 7.59
N LYS D 87 8.51 -35.18 6.45
CA LYS D 87 9.87 -35.59 6.27
C LYS D 87 10.64 -34.35 5.91
N ILE D 88 11.84 -34.22 6.44
CA ILE D 88 12.59 -32.99 6.34
C ILE D 88 13.83 -33.16 5.48
N THR D 89 13.85 -32.46 4.36
CA THR D 89 15.05 -32.42 3.53
C THR D 89 15.67 -31.04 3.62
N LEU D 90 16.99 -31.04 3.74
CA LEU D 90 17.80 -29.84 3.79
C LEU D 90 18.97 -30.04 2.83
N ILE D 91 19.29 -28.99 2.08
CA ILE D 91 20.53 -29.01 1.33
C ILE D 91 21.49 -28.07 2.03
N GLN D 92 22.76 -28.17 1.67
CA GLN D 92 23.78 -27.32 2.27
C GLN D 92 23.71 -25.90 1.71
N ASN D 93 23.90 -24.92 2.58
CA ASN D 93 23.95 -23.51 2.16
C ASN D 93 25.28 -23.19 1.46
N LYS D 94 25.56 -23.92 0.38
CA LYS D 94 26.74 -23.68 -0.45
C LYS D 94 26.65 -22.31 -1.12
N MET D 95 25.42 -21.92 -1.49
CA MET D 95 25.21 -20.63 -2.15
C MET D 95 25.51 -19.47 -1.21
N LYS D 96 25.58 -19.78 0.08
CA LYS D 96 25.87 -18.81 1.14
C LYS D 96 24.90 -17.64 1.16
N VAL D 97 23.61 -17.94 1.09
CA VAL D 97 22.57 -16.94 1.34
C VAL D 97 22.66 -16.45 2.79
N ASP D 98 22.56 -15.14 2.98
CA ASP D 98 22.61 -14.59 4.32
C ASP D 98 21.63 -13.45 4.44
N GLU D 99 20.57 -13.54 3.66
CA GLU D 99 19.45 -12.63 3.73
C GLU D 99 18.20 -13.49 3.90
N MET D 100 17.18 -12.98 4.60
CA MET D 100 16.00 -13.79 4.85
C MET D 100 15.42 -14.38 3.57
N VAL D 101 14.92 -15.59 3.68
CA VAL D 101 14.10 -16.19 2.66
C VAL D 101 12.69 -16.19 3.23
N THR D 102 11.72 -15.70 2.47
CA THR D 102 10.38 -15.49 3.00
C THR D 102 9.37 -16.29 2.18
N VAL D 103 8.62 -17.17 2.83
CA VAL D 103 7.49 -17.83 2.19
C VAL D 103 6.22 -17.18 2.74
N ARG D 104 5.47 -16.55 1.84
CA ARG D 104 4.29 -15.81 2.25
C ARG D 104 3.00 -16.51 1.82
N ASP D 105 1.90 -16.14 2.48
CA ASP D 105 0.57 -16.58 2.03
C ASP D 105 0.44 -18.11 1.99
N ILE D 106 1.05 -18.77 2.97
CA ILE D 106 0.89 -20.21 3.22
C ILE D 106 -0.53 -20.54 3.68
N THR D 107 -1.21 -21.47 2.99
CA THR D 107 -2.56 -21.85 3.37
C THR D 107 -2.59 -22.53 4.73
N LEU D 108 -3.43 -22.03 5.63
CA LEU D 108 -3.49 -22.54 6.99
C LEU D 108 -4.96 -22.73 7.36
N THR D 109 -5.30 -23.93 7.79
CA THR D 109 -6.64 -24.18 8.27
C THR D 109 -6.50 -24.93 9.59
N SER D 110 -7.23 -24.50 10.61
CA SER D 110 -7.05 -25.00 11.95
C SER D 110 -8.36 -25.01 12.71
N THR D 111 -8.30 -25.51 13.93
CA THR D 111 -9.47 -25.55 14.78
C THR D 111 -9.24 -24.88 16.12
N CYS D 112 -10.26 -24.07 16.36
N CYS D 112 -10.34 -23.89 16.36
CA CYS D 112 -10.32 -23.32 17.58
CA CYS D 112 -10.46 -23.19 17.64
C CYS D 112 -10.54 -24.31 18.71
C CYS D 112 -10.53 -24.28 18.70
N GLU D 113 -9.74 -24.19 19.75
CA GLU D 113 -9.83 -25.19 20.81
C GLU D 113 -10.88 -24.87 21.87
N HIS D 114 -11.45 -23.68 21.84
CA HIS D 114 -12.49 -23.34 22.80
C HIS D 114 -13.89 -23.72 22.32
N HIS D 115 -14.05 -23.79 21.01
CA HIS D 115 -15.34 -24.07 20.43
C HIS D 115 -15.37 -25.19 19.39
N PHE D 116 -14.20 -25.65 18.98
CA PHE D 116 -14.06 -26.72 17.96
C PHE D 116 -14.63 -26.31 16.60
N VAL D 117 -14.30 -25.08 16.23
CA VAL D 117 -14.85 -24.49 15.05
C VAL D 117 -13.65 -23.99 14.20
N THR D 118 -13.83 -24.00 12.89
CA THR D 118 -12.81 -23.68 11.90
C THR D 118 -12.10 -22.35 12.12
N ILE D 119 -10.77 -22.39 12.01
CA ILE D 119 -9.93 -21.22 11.83
C ILE D 119 -9.38 -21.24 10.41
N ASP D 120 -9.48 -20.11 9.71
CA ASP D 120 -9.02 -20.01 8.31
C ASP D 120 -8.03 -18.86 8.20
N GLY D 121 -6.77 -19.19 7.91
CA GLY D 121 -5.71 -18.20 7.88
C GLY D 121 -4.67 -18.29 6.77
N LYS D 122 -3.69 -17.40 6.83
CA LYS D 122 -2.48 -17.43 6.00
C LYS D 122 -1.30 -17.25 6.94
N ALA D 123 -0.20 -17.97 6.69
CA ALA D 123 1.04 -17.74 7.43
C ALA D 123 2.09 -17.11 6.52
N THR D 124 3.00 -16.38 7.12
CA THR D 124 4.20 -15.91 6.45
C THR D 124 5.35 -16.35 7.32
N VAL D 125 6.29 -17.07 6.72
CA VAL D 125 7.48 -17.49 7.45
C VAL D 125 8.73 -16.95 6.80
N ALA D 126 9.67 -16.51 7.60
CA ALA D 126 10.96 -16.20 7.02
C ALA D 126 12.05 -16.73 7.91
N TYR D 127 13.18 -17.07 7.32
CA TYR D 127 14.36 -17.41 8.09
C TYR D 127 15.64 -16.97 7.35
N ILE D 128 16.72 -16.80 8.11
CA ILE D 128 18.03 -16.56 7.55
C ILE D 128 18.87 -17.84 7.65
N PRO D 129 19.11 -18.47 6.49
CA PRO D 129 19.81 -19.76 6.45
C PRO D 129 21.16 -19.65 7.13
N LYS D 130 21.49 -20.66 7.93
CA LYS D 130 22.81 -20.73 8.50
C LYS D 130 23.57 -21.83 7.74
N ASP D 131 23.57 -23.05 8.25
CA ASP D 131 24.20 -24.18 7.54
C ASP D 131 23.29 -24.79 6.47
N SER D 132 21.98 -24.69 6.71
CA SER D 132 21.03 -25.40 5.88
C SER D 132 19.95 -24.52 5.26
N VAL D 133 19.62 -24.87 4.02
CA VAL D 133 18.54 -24.27 3.27
C VAL D 133 17.47 -25.36 3.20
N ILE D 134 16.26 -25.07 3.65
CA ILE D 134 15.21 -26.08 3.68
C ILE D 134 14.40 -26.15 2.37
N GLY D 135 13.96 -27.35 2.02
CA GLY D 135 13.05 -27.53 0.91
C GLY D 135 11.81 -26.68 1.17
N LEU D 136 11.55 -25.75 0.25
CA LEU D 136 10.48 -24.76 0.41
C LEU D 136 9.16 -25.36 0.85
N SER D 137 8.78 -26.51 0.31
CA SER D 137 7.47 -27.07 0.63
C SER D 137 7.39 -27.59 2.07
N LYS D 138 8.54 -27.91 2.64
CA LYS D 138 8.58 -28.44 3.99
C LYS D 138 8.15 -27.38 4.98
N ILE D 139 8.32 -26.11 4.61
CA ILE D 139 7.85 -25.01 5.46
C ILE D 139 6.32 -24.97 5.47
N ASN D 140 5.71 -25.13 4.30
CA ASN D 140 4.25 -25.24 4.24
C ASN D 140 3.75 -26.46 5.04
N ARG D 141 4.50 -27.56 4.95
CA ARG D 141 4.13 -28.79 5.64
C ARG D 141 4.21 -28.65 7.17
N ILE D 142 5.24 -27.97 7.67
CA ILE D 142 5.36 -27.72 9.10
C ILE D 142 4.21 -26.87 9.66
N VAL D 143 3.76 -25.90 8.87
CA VAL D 143 2.71 -24.97 9.33
C VAL D 143 1.41 -25.75 9.46
N GLN D 144 1.09 -26.53 8.43
CA GLN D 144 -0.14 -27.31 8.42
C GLN D 144 -0.16 -28.42 9.49
N PHE D 145 1.01 -28.95 9.83
CA PHE D 145 1.12 -29.96 10.87
C PHE D 145 0.65 -29.34 12.19
N PHE D 146 1.23 -28.21 12.57
CA PHE D 146 0.87 -27.66 13.86
C PHE D 146 -0.54 -27.12 13.84
N ALA D 147 -1.04 -26.80 12.65
CA ALA D 147 -2.38 -26.25 12.51
C ALA D 147 -3.46 -27.33 12.59
N GLN D 148 -3.09 -28.58 12.28
CA GLN D 148 -4.04 -29.68 12.35
C GLN D 148 -4.09 -30.21 13.78
N ARG D 149 -4.42 -29.31 14.71
CA ARG D 149 -4.62 -29.63 16.11
C ARG D 149 -5.71 -28.67 16.57
N PRO D 150 -6.31 -28.91 17.74
CA PRO D 150 -7.10 -27.84 18.34
C PRO D 150 -6.08 -26.83 18.80
N GLN D 151 -6.32 -25.55 18.54
CA GLN D 151 -5.31 -24.53 18.79
C GLN D 151 -5.84 -23.23 19.35
N VAL D 152 -4.95 -22.47 19.97
CA VAL D 152 -5.13 -21.03 20.02
C VAL D 152 -3.99 -20.39 19.23
N GLN D 153 -4.34 -19.33 18.48
CA GLN D 153 -3.47 -18.77 17.49
C GLN D 153 -2.10 -18.37 18.02
N GLU D 154 -2.10 -17.78 19.20
CA GLU D 154 -0.88 -17.41 19.89
C GLU D 154 0.03 -18.64 20.12
N ARG D 155 -0.54 -19.78 20.47
CA ARG D 155 0.29 -20.98 20.71
C ARG D 155 0.81 -21.55 19.40
N LEU D 156 -0.08 -21.66 18.42
CA LEU D 156 0.26 -22.19 17.10
C LEU D 156 1.50 -21.49 16.53
N THR D 157 1.48 -20.15 16.60
CA THR D 157 2.57 -19.31 16.08
C THR D 157 3.89 -19.60 16.77
N GLN D 158 3.85 -19.80 18.10
CA GLN D 158 5.06 -20.09 18.85
C GLN D 158 5.63 -21.48 18.56
N GLN D 159 4.74 -22.40 18.20
CA GLN D 159 5.08 -23.79 17.96
C GLN D 159 5.80 -23.89 16.64
N ILE D 160 5.24 -23.28 15.61
CA ILE D 160 5.85 -23.29 14.29
C ILE D 160 7.21 -22.61 14.33
N LEU D 161 7.31 -21.54 15.11
CA LEU D 161 8.56 -20.82 15.26
C LEU D 161 9.65 -21.74 15.84
N LEU D 162 9.39 -22.31 17.01
CA LEU D 162 10.42 -23.13 17.65
C LEU D 162 10.73 -24.40 16.84
N ALA D 163 9.72 -24.99 16.24
CA ALA D 163 9.93 -26.17 15.39
C ALA D 163 10.86 -25.90 14.25
N LEU D 164 10.66 -24.77 13.57
CA LEU D 164 11.55 -24.33 12.49
C LEU D 164 12.97 -24.05 12.99
N GLN D 165 13.10 -23.30 14.08
CA GLN D 165 14.42 -22.99 14.60
C GLN D 165 15.21 -24.25 14.91
N THR D 166 14.53 -25.27 15.42
CA THR D 166 15.19 -26.46 15.91
C THR D 166 15.69 -27.30 14.71
N LEU D 167 14.86 -27.40 13.67
CA LEU D 167 15.24 -28.08 12.42
C LEU D 167 16.27 -27.35 11.55
N LEU D 168 16.25 -26.02 11.58
CA LEU D 168 17.12 -25.25 10.71
C LEU D 168 18.46 -25.03 11.35
N GLY D 169 18.54 -25.30 12.64
CA GLY D 169 19.76 -25.04 13.40
C GLY D 169 20.11 -23.57 13.54
N THR D 170 19.10 -22.71 13.58
CA THR D 170 19.32 -21.26 13.76
C THR D 170 18.14 -20.62 14.46
N ASN D 171 18.39 -19.55 15.21
CA ASN D 171 17.31 -18.84 15.89
C ASN D 171 16.64 -17.82 15.00
N ASN D 172 17.21 -17.64 13.82
CA ASN D 172 16.83 -16.54 12.95
C ASN D 172 15.64 -16.89 12.08
N VAL D 173 14.47 -16.91 12.72
CA VAL D 173 13.22 -17.34 12.09
C VAL D 173 12.12 -16.38 12.52
N ALA D 174 11.15 -16.14 11.64
CA ALA D 174 10.00 -15.32 11.98
C ALA D 174 8.75 -15.97 11.44
N VAL D 175 7.67 -15.89 12.19
CA VAL D 175 6.37 -16.47 11.82
C VAL D 175 5.23 -15.45 12.05
N SER D 176 4.37 -15.29 11.05
CA SER D 176 3.25 -14.40 11.22
C SER D 176 2.03 -15.11 10.68
N ILE D 177 0.94 -15.04 11.46
CA ILE D 177 -0.29 -15.66 11.04
C ILE D 177 -1.40 -14.64 11.10
N ASP D 178 -2.21 -14.63 10.05
CA ASP D 178 -3.38 -13.76 9.98
C ASP D 178 -4.59 -14.66 9.71
N ALA D 179 -5.60 -14.64 10.57
CA ALA D 179 -6.69 -15.62 10.48
C ALA D 179 -8.06 -15.11 10.90
N VAL D 180 -9.09 -15.73 10.31
CA VAL D 180 -10.49 -15.54 10.67
C VAL D 180 -10.92 -16.72 11.51
N HIS D 181 -11.44 -16.41 12.69
CA HIS D 181 -11.93 -17.39 13.66
C HIS D 181 -13.43 -17.48 13.54
N TYR D 182 -13.93 -18.64 13.13
CA TYR D 182 -15.38 -18.78 13.09
C TYR D 182 -16.10 -18.81 14.45
N CYS D 183 -15.35 -18.98 15.54
N CYS D 183 -15.33 -18.99 15.52
CA CYS D 183 -15.90 -18.80 16.87
CA CYS D 183 -15.83 -18.81 16.88
C CYS D 183 -16.26 -17.33 17.15
C CYS D 183 -16.27 -17.36 17.12
N VAL D 184 -15.74 -16.46 16.29
CA VAL D 184 -16.03 -15.04 16.40
C VAL D 184 -17.05 -14.63 15.33
N LYS D 185 -16.90 -15.23 14.16
CA LYS D 185 -17.71 -14.85 13.02
C LYS D 185 -19.06 -15.58 12.95
N ALA D 186 -19.10 -16.87 13.33
CA ALA D 186 -20.32 -17.65 13.12
C ALA D 186 -21.22 -17.88 14.35
N ARG D 187 -20.78 -17.41 15.52
CA ARG D 187 -21.53 -17.54 16.79
C ARG D 187 -21.12 -16.38 17.68
N GLY D 188 -21.82 -16.21 18.81
CA GLY D 188 -21.47 -15.23 19.81
C GLY D 188 -21.65 -13.83 19.22
N ILE D 189 -20.59 -13.03 19.24
CA ILE D 189 -20.62 -11.65 18.69
C ILE D 189 -20.91 -11.61 17.18
N ARG D 190 -20.56 -12.67 16.45
CA ARG D 190 -20.79 -12.73 14.99
C ARG D 190 -20.24 -11.52 14.18
N ASP D 191 -19.00 -11.16 14.46
CA ASP D 191 -18.28 -10.14 13.70
C ASP D 191 -17.83 -10.70 12.33
N ALA D 192 -18.52 -10.31 11.28
CA ALA D 192 -18.26 -10.76 9.92
C ALA D 192 -17.00 -10.13 9.28
N THR D 193 -16.41 -9.13 9.93
CA THR D 193 -15.29 -8.43 9.30
C THR D 193 -13.91 -8.66 9.93
N SER D 194 -13.84 -9.03 11.22
CA SER D 194 -12.56 -8.94 11.89
C SER D 194 -11.62 -10.12 11.59
N ALA D 195 -10.34 -9.92 11.85
CA ALA D 195 -9.35 -10.98 11.66
C ALA D 195 -8.27 -10.72 12.68
N THR D 196 -7.53 -11.77 13.00
CA THR D 196 -6.52 -11.68 14.04
C THR D 196 -5.11 -11.97 13.51
N THR D 197 -4.16 -11.13 13.89
CA THR D 197 -2.77 -11.35 13.51
C THR D 197 -1.90 -11.60 14.71
N THR D 198 -1.11 -12.68 14.65
CA THR D 198 -0.13 -12.93 15.68
C THR D 198 1.20 -13.05 15.02
N THR D 199 2.25 -12.71 15.76
CA THR D 199 3.61 -12.84 15.23
C THR D 199 4.54 -13.40 16.31
N SER D 200 5.48 -14.24 15.90
CA SER D 200 6.50 -14.75 16.79
C SER D 200 7.86 -14.57 16.07
N LEU D 201 8.83 -13.93 16.73
CA LEU D 201 10.09 -13.55 16.09
C LEU D 201 11.24 -14.09 16.92
N GLY D 202 12.24 -14.69 16.27
CA GLY D 202 13.39 -15.20 17.00
C GLY D 202 14.70 -14.66 16.45
N GLY D 203 15.75 -14.73 17.25
CA GLY D 203 17.05 -14.27 16.81
C GLY D 203 17.00 -12.83 16.33
N LEU D 204 17.67 -12.54 15.20
CA LEU D 204 17.73 -11.18 14.65
C LEU D 204 16.34 -10.55 14.36
N PHE D 205 15.35 -11.37 14.05
CA PHE D 205 14.03 -10.85 13.72
C PHE D 205 13.38 -10.16 14.93
N LYS D 206 13.92 -10.39 16.11
CA LYS D 206 13.31 -9.91 17.33
C LYS D 206 14.04 -8.68 17.77
N SER D 207 15.34 -8.68 17.53
CA SER D 207 16.18 -7.71 18.20
C SER D 207 16.81 -6.78 17.24
N SER D 208 17.33 -7.34 16.15
CA SER D 208 17.88 -6.54 15.05
C SER D 208 16.74 -5.78 14.33
N GLN D 209 16.77 -4.46 14.45
CA GLN D 209 15.63 -3.65 14.08
C GLN D 209 15.45 -3.51 12.56
N ASN D 210 16.54 -3.39 11.81
CA ASN D 210 16.44 -3.55 10.36
C ASN D 210 15.89 -4.92 9.92
N THR D 211 16.39 -6.03 10.46
CA THR D 211 15.83 -7.37 10.13
C THR D 211 14.37 -7.51 10.53
N ARG D 212 14.09 -7.11 11.78
CA ARG D 212 12.73 -7.00 12.26
C ARG D 212 11.78 -6.19 11.37
N GLN D 213 12.14 -4.95 11.05
CA GLN D 213 11.22 -4.15 10.27
C GLN D 213 11.13 -4.66 8.83
N GLU D 214 12.20 -5.27 8.33
CA GLU D 214 12.16 -5.84 6.98
C GLU D 214 11.11 -6.93 6.87
N PHE D 215 11.10 -7.85 7.83
CA PHE D 215 10.06 -8.87 7.88
C PHE D 215 8.67 -8.27 8.11
N LEU D 216 8.54 -7.42 9.13
CA LEU D 216 7.23 -6.83 9.45
C LEU D 216 6.66 -6.00 8.31
N ARG D 217 7.50 -5.20 7.67
CA ARG D 217 6.99 -4.34 6.60
C ARG D 217 6.50 -5.19 5.44
N ALA D 218 7.09 -6.37 5.29
CA ALA D 218 6.82 -7.20 4.12
C ALA D 218 5.50 -7.95 4.26
N VAL D 219 5.15 -8.30 5.49
CA VAL D 219 3.85 -8.89 5.81
C VAL D 219 2.76 -7.88 5.55
N ARG D 220 3.10 -6.61 5.79
CA ARG D 220 2.28 -5.40 5.59
C ARG D 220 1.56 -4.96 6.87
N SER E 5 37.01 -20.24 -24.35
CA SER E 5 37.76 -20.02 -25.59
C SER E 5 36.86 -19.60 -26.75
N SER E 6 35.57 -19.89 -26.63
CA SER E 6 34.58 -19.53 -27.65
C SER E 6 33.48 -18.61 -27.09
N LEU E 7 33.71 -18.09 -25.89
CA LEU E 7 32.74 -17.23 -25.24
C LEU E 7 33.13 -15.81 -25.49
N SER E 8 32.23 -14.88 -25.21
CA SER E 8 32.54 -13.45 -25.19
C SER E 8 33.39 -13.16 -23.95
N LYS E 9 34.07 -12.02 -23.95
CA LYS E 9 34.87 -11.59 -22.80
C LYS E 9 34.00 -11.48 -21.52
N GLU E 10 32.80 -10.90 -21.66
CA GLU E 10 31.88 -10.78 -20.54
C GLU E 10 31.43 -12.13 -19.97
N ALA E 11 30.96 -13.01 -20.85
CA ALA E 11 30.54 -14.34 -20.43
C ALA E 11 31.66 -15.08 -19.72
N GLU E 12 32.90 -14.87 -20.14
CA GLU E 12 34.02 -15.47 -19.42
C GLU E 12 34.24 -14.84 -18.03
N LEU E 13 34.20 -13.51 -17.96
CA LEU E 13 34.33 -12.84 -16.66
C LEU E 13 33.31 -13.40 -15.67
N VAL E 14 32.06 -13.49 -16.09
CA VAL E 14 30.97 -13.93 -15.22
C VAL E 14 31.16 -15.37 -14.77
N HIS E 15 31.50 -16.26 -15.71
CA HIS E 15 31.61 -17.67 -15.39
C HIS E 15 32.72 -17.92 -14.38
N GLN E 16 33.86 -17.28 -14.62
CA GLN E 16 34.97 -17.35 -13.69
C GLN E 16 34.58 -16.77 -12.32
N ALA E 17 33.80 -15.68 -12.34
CA ALA E 17 33.36 -15.06 -11.10
C ALA E 17 32.59 -16.04 -10.26
N LEU E 18 31.59 -16.67 -10.88
CA LEU E 18 30.73 -17.63 -10.18
C LEU E 18 31.50 -18.85 -9.69
N LEU E 19 32.42 -19.35 -10.51
CA LEU E 19 33.22 -20.51 -10.13
C LEU E 19 34.03 -20.20 -8.90
N ALA E 20 34.69 -19.05 -8.94
CA ALA E 20 35.54 -18.60 -7.84
C ALA E 20 34.76 -18.38 -6.54
N ARG E 21 33.52 -17.94 -6.65
CA ARG E 21 32.69 -17.69 -5.48
C ARG E 21 32.09 -18.99 -4.92
N GLY E 22 31.98 -20.01 -5.76
CA GLY E 22 31.40 -21.28 -5.37
C GLY E 22 29.92 -21.34 -5.73
N LEU E 23 29.54 -20.55 -6.73
CA LEU E 23 28.16 -20.19 -6.96
C LEU E 23 27.63 -20.69 -8.29
N GLU E 24 28.49 -21.35 -9.08
N GLU E 24 28.47 -21.37 -9.05
CA GLU E 24 28.06 -21.90 -10.37
CA GLU E 24 28.08 -21.92 -10.34
C GLU E 24 27.08 -23.06 -10.18
C GLU E 24 27.11 -23.09 -10.20
N THR E 25 26.24 -23.26 -11.19
CA THR E 25 25.35 -24.43 -11.25
C THR E 25 26.21 -25.68 -11.46
N PRO E 26 26.00 -26.72 -10.64
CA PRO E 26 26.82 -27.95 -10.70
C PRO E 26 26.69 -28.75 -12.01
N PRO E 30 31.70 -31.40 -20.21
CA PRO E 30 31.02 -31.30 -21.51
C PRO E 30 31.71 -32.13 -22.57
N GLU E 31 31.10 -33.25 -22.92
CA GLU E 31 31.72 -34.23 -23.80
C GLU E 31 31.10 -34.24 -25.20
N LEU E 32 29.77 -34.20 -25.24
CA LEU E 32 29.04 -34.28 -26.50
C LEU E 32 28.55 -32.92 -26.96
N ASP E 33 28.33 -32.77 -28.27
CA ASP E 33 27.80 -31.53 -28.84
C ASP E 33 26.29 -31.45 -28.61
N ALA E 34 25.70 -30.28 -28.86
CA ALA E 34 24.28 -30.07 -28.55
C ALA E 34 23.36 -31.00 -29.32
N GLU E 35 23.72 -31.31 -30.56
CA GLU E 35 22.84 -32.06 -31.44
C GLU E 35 22.63 -33.52 -31.03
N THR E 36 23.68 -34.12 -30.47
CA THR E 36 23.67 -35.54 -30.10
C THR E 36 22.94 -35.76 -28.77
N ARG E 37 23.15 -34.83 -27.85
CA ARG E 37 22.49 -34.92 -26.54
C ARG E 37 20.97 -34.84 -26.67
N LYS E 38 20.47 -34.24 -27.74
CA LYS E 38 19.04 -34.19 -27.98
C LYS E 38 18.48 -35.54 -28.37
N THR E 39 19.17 -36.19 -29.32
CA THR E 39 18.77 -37.50 -29.80
C THR E 39 18.72 -38.50 -28.66
N ARG E 40 19.68 -38.42 -27.73
CA ARG E 40 19.73 -39.38 -26.64
C ARG E 40 18.68 -39.07 -25.56
N ILE E 41 18.50 -37.79 -25.23
CA ILE E 41 17.40 -37.41 -24.33
C ILE E 41 16.09 -37.93 -24.91
N GLN E 42 15.83 -37.61 -26.18
CA GLN E 42 14.62 -38.05 -26.88
C GLN E 42 14.38 -39.57 -26.82
N ALA E 43 15.45 -40.35 -26.93
CA ALA E 43 15.33 -41.80 -26.81
C ALA E 43 14.87 -42.20 -25.40
N HIS E 44 15.51 -41.64 -24.38
CA HIS E 44 15.10 -41.89 -22.99
C HIS E 44 13.66 -41.50 -22.65
N MET E 45 13.20 -40.37 -23.19
CA MET E 45 11.85 -39.91 -22.85
C MET E 45 10.79 -40.79 -23.48
N THR E 46 11.18 -41.48 -24.55
CA THR E 46 10.32 -42.47 -25.18
C THR E 46 9.97 -43.60 -24.21
N GLU E 47 10.99 -44.14 -23.53
CA GLU E 47 10.81 -45.28 -22.65
C GLU E 47 9.95 -44.93 -21.45
N VAL E 48 10.13 -43.71 -20.97
CA VAL E 48 9.38 -43.18 -19.83
C VAL E 48 7.88 -43.18 -20.13
N MET E 49 7.53 -42.73 -21.33
CA MET E 49 6.13 -42.68 -21.72
C MET E 49 5.60 -44.10 -21.90
N HIS E 50 6.45 -44.99 -22.40
CA HIS E 50 6.10 -46.41 -22.38
C HIS E 50 5.85 -46.84 -20.92
N LEU E 51 6.75 -46.47 -20.02
CA LEU E 51 6.63 -46.80 -18.60
C LEU E 51 5.48 -46.09 -17.87
N LEU E 52 4.83 -45.15 -18.53
CA LEU E 52 3.63 -44.54 -17.96
C LEU E 52 2.39 -45.15 -18.58
N ASN E 53 2.60 -46.13 -19.45
CA ASN E 53 1.52 -46.82 -20.16
C ASN E 53 0.77 -45.95 -21.16
N LEU E 54 1.42 -44.89 -21.61
CA LEU E 54 0.86 -44.02 -22.64
C LEU E 54 1.00 -44.67 -24.01
N ASP E 55 0.02 -44.44 -24.87
CA ASP E 55 0.03 -44.95 -26.24
C ASP E 55 0.67 -43.95 -27.21
N LEU E 56 1.94 -44.17 -27.50
CA LEU E 56 2.71 -43.24 -28.30
C LEU E 56 2.37 -43.31 -29.78
N THR E 57 1.38 -44.13 -30.14
CA THR E 57 0.92 -44.16 -31.53
C THR E 57 -0.04 -43.00 -31.79
N ASP E 58 -0.55 -42.42 -30.70
CA ASP E 58 -1.44 -41.27 -30.79
C ASP E 58 -0.73 -40.07 -31.43
N ASP E 59 -1.40 -39.45 -32.39
CA ASP E 59 -0.83 -38.32 -33.12
C ASP E 59 -0.46 -37.13 -32.24
N SER E 60 -1.29 -36.88 -31.23
CA SER E 60 -1.03 -35.81 -30.31
C SER E 60 0.23 -36.16 -29.51
N LEU E 61 0.43 -37.45 -29.26
CA LEU E 61 1.50 -37.88 -28.36
C LEU E 61 2.79 -38.26 -29.09
N ALA E 62 2.66 -38.58 -30.37
CA ALA E 62 3.72 -39.26 -31.10
C ALA E 62 5.04 -38.51 -31.08
N ASP E 63 4.97 -37.18 -31.10
CA ASP E 63 6.16 -36.37 -31.28
C ASP E 63 6.66 -35.76 -29.97
N THR E 64 6.11 -36.21 -28.86
CA THR E 64 6.42 -35.61 -27.56
C THR E 64 7.88 -35.79 -27.07
N PRO E 65 8.44 -37.01 -27.18
CA PRO E 65 9.85 -37.17 -26.81
C PRO E 65 10.83 -36.14 -27.44
N ARG E 66 10.75 -35.89 -28.73
CA ARG E 66 11.65 -34.91 -29.34
C ARG E 66 11.36 -33.47 -28.92
N ARG E 67 10.08 -33.11 -28.80
CA ARG E 67 9.71 -31.81 -28.22
C ARG E 67 10.40 -31.61 -26.88
N ILE E 68 10.32 -32.63 -26.01
CA ILE E 68 10.92 -32.51 -24.69
C ILE E 68 12.43 -32.29 -24.76
N ALA E 69 13.11 -33.14 -25.55
CA ALA E 69 14.56 -33.06 -25.68
C ALA E 69 14.96 -31.66 -26.12
N LYS E 70 14.35 -31.19 -27.20
CA LYS E 70 14.60 -29.85 -27.73
C LYS E 70 14.33 -28.75 -26.68
N MET E 71 13.24 -28.88 -25.93
CA MET E 71 12.93 -27.92 -24.86
C MET E 71 14.02 -27.83 -23.79
N TYR E 72 14.55 -28.98 -23.38
CA TYR E 72 15.62 -29.02 -22.38
C TYR E 72 16.91 -28.32 -22.86
N VAL E 73 17.48 -28.84 -23.94
CA VAL E 73 18.76 -28.33 -24.45
C VAL E 73 18.73 -26.89 -25.00
N ASP E 74 17.70 -26.58 -25.78
CA ASP E 74 17.63 -25.33 -26.53
C ASP E 74 16.82 -24.20 -25.88
N GLU E 75 15.96 -24.54 -24.93
N GLU E 75 15.89 -24.53 -24.99
CA GLU E 75 15.01 -23.57 -24.40
CA GLU E 75 15.04 -23.50 -24.38
C GLU E 75 15.11 -23.34 -22.89
C GLU E 75 15.18 -23.37 -22.87
N ILE E 76 14.49 -24.20 -22.11
CA ILE E 76 14.45 -24.00 -20.67
C ILE E 76 15.75 -24.25 -19.91
N PHE E 77 16.71 -24.95 -20.49
CA PHE E 77 17.99 -25.07 -19.82
C PHE E 77 19.13 -24.46 -20.67
N SER E 78 18.75 -23.61 -21.63
CA SER E 78 19.70 -22.99 -22.52
C SER E 78 20.69 -22.12 -21.77
N GLY E 79 20.36 -21.77 -20.52
CA GLY E 79 21.24 -21.01 -19.64
C GLY E 79 22.45 -21.75 -19.08
N LEU E 80 22.51 -23.06 -19.30
CA LEU E 80 23.71 -23.82 -18.95
C LEU E 80 24.84 -23.55 -19.95
N ASP E 81 24.52 -22.94 -21.09
CA ASP E 81 25.50 -22.77 -22.17
C ASP E 81 25.88 -21.30 -22.29
N TYR E 82 27.10 -20.98 -21.89
CA TYR E 82 27.56 -19.60 -21.92
C TYR E 82 27.75 -19.05 -23.33
N GLU E 83 27.57 -19.90 -24.35
CA GLU E 83 27.52 -19.39 -25.72
C GLU E 83 26.17 -18.69 -25.91
N ASN E 84 25.22 -19.00 -25.02
CA ASN E 84 23.91 -18.37 -25.05
C ASN E 84 23.84 -17.17 -24.15
N PHE E 85 24.98 -16.79 -23.57
CA PHE E 85 25.00 -15.62 -22.70
C PHE E 85 24.72 -14.33 -23.50
N PRO E 86 23.90 -13.41 -22.95
CA PRO E 86 23.52 -12.22 -23.76
C PRO E 86 24.70 -11.30 -24.08
N LYS E 87 24.55 -10.49 -25.13
CA LYS E 87 25.56 -9.50 -25.48
C LYS E 87 25.40 -8.29 -24.59
N ILE E 88 26.51 -7.74 -24.10
CA ILE E 88 26.43 -6.61 -23.19
C ILE E 88 26.87 -5.27 -23.81
N THR E 89 25.99 -4.27 -23.73
CA THR E 89 26.36 -2.93 -24.16
C THR E 89 26.23 -1.91 -23.04
N LEU E 90 27.34 -1.22 -22.80
CA LEU E 90 27.45 -0.22 -21.75
C LEU E 90 27.69 1.12 -22.44
N ILE E 91 27.22 2.20 -21.83
CA ILE E 91 27.57 3.54 -22.28
C ILE E 91 28.21 4.22 -21.09
N GLN E 92 29.00 5.26 -21.34
CA GLN E 92 29.58 5.98 -20.22
C GLN E 92 28.50 6.68 -19.37
N ASN E 93 28.74 6.69 -18.07
CA ASN E 93 27.92 7.46 -17.15
C ASN E 93 28.28 8.95 -17.27
N LYS E 94 28.18 9.50 -18.48
CA LYS E 94 28.43 10.92 -18.70
C LYS E 94 27.38 11.77 -17.96
N MET E 95 26.19 11.22 -17.80
CA MET E 95 25.11 11.94 -17.15
C MET E 95 25.29 11.94 -15.62
N LYS E 96 26.25 11.16 -15.14
CA LYS E 96 26.65 11.12 -13.74
C LYS E 96 25.50 10.81 -12.75
N VAL E 97 24.68 9.85 -13.14
CA VAL E 97 23.71 9.24 -12.26
C VAL E 97 24.43 8.59 -11.09
N ASP E 98 23.95 8.92 -9.88
CA ASP E 98 24.52 8.40 -8.65
C ASP E 98 23.41 8.03 -7.66
N GLU E 99 22.24 7.74 -8.21
CA GLU E 99 21.13 7.18 -7.47
C GLU E 99 20.72 5.86 -8.16
N MET E 100 20.09 4.96 -7.44
CA MET E 100 19.82 3.64 -8.00
C MET E 100 18.92 3.72 -9.20
N VAL E 101 19.17 2.82 -10.14
CA VAL E 101 18.29 2.63 -11.27
C VAL E 101 17.65 1.26 -11.01
N THR E 102 16.33 1.17 -11.13
CA THR E 102 15.58 -0.03 -10.77
C THR E 102 14.72 -0.54 -11.90
N VAL E 103 14.88 -1.81 -12.23
CA VAL E 103 13.98 -2.46 -13.17
C VAL E 103 13.15 -3.43 -12.34
N ARG E 104 11.83 -3.32 -12.42
CA ARG E 104 10.95 -4.13 -11.60
C ARG E 104 10.07 -4.99 -12.48
N ASP E 105 9.48 -6.02 -11.88
CA ASP E 105 8.53 -6.90 -12.57
C ASP E 105 9.13 -7.53 -13.84
N ILE E 106 10.41 -7.89 -13.74
CA ILE E 106 11.05 -8.63 -14.80
C ILE E 106 10.45 -10.04 -14.92
N THR E 107 9.96 -10.42 -16.10
CA THR E 107 9.34 -11.73 -16.28
C THR E 107 10.37 -12.82 -16.05
N LEU E 108 10.08 -13.76 -15.15
CA LEU E 108 11.06 -14.82 -14.88
C LEU E 108 10.38 -16.18 -14.88
N THR E 109 10.94 -17.12 -15.63
CA THR E 109 10.40 -18.46 -15.65
C THR E 109 11.56 -19.42 -15.53
N SER E 110 11.40 -20.47 -14.73
CA SER E 110 12.53 -21.33 -14.46
C SER E 110 12.07 -22.73 -14.15
N THR E 111 12.97 -23.54 -13.60
CA THR E 111 12.66 -24.93 -13.28
C THR E 111 13.20 -25.31 -11.91
N CYS E 112 12.36 -25.99 -11.12
N CYS E 112 12.38 -26.04 -11.15
CA CYS E 112 12.78 -26.53 -9.83
CA CYS E 112 12.77 -26.60 -9.87
C CYS E 112 13.84 -27.59 -10.11
C CYS E 112 13.86 -27.63 -10.14
N GLU E 113 15.04 -27.43 -9.60
CA GLU E 113 16.06 -28.45 -9.79
C GLU E 113 15.72 -29.74 -9.03
N HIS E 114 14.79 -29.66 -8.07
CA HIS E 114 14.45 -30.84 -7.27
C HIS E 114 13.39 -31.76 -7.89
N HIS E 115 12.41 -31.16 -8.56
CA HIS E 115 11.38 -31.97 -9.21
C HIS E 115 11.27 -31.76 -10.71
N PHE E 116 12.07 -30.87 -11.26
CA PHE E 116 12.01 -30.51 -12.67
C PHE E 116 10.67 -29.90 -13.11
N VAL E 117 10.13 -29.06 -12.24
CA VAL E 117 8.80 -28.47 -12.44
C VAL E 117 8.89 -26.95 -12.50
N THR E 118 7.96 -26.35 -13.22
CA THR E 118 7.95 -24.94 -13.49
C THR E 118 8.05 -24.06 -12.26
N ILE E 119 8.95 -23.10 -12.32
CA ILE E 119 8.95 -21.97 -11.43
C ILE E 119 8.49 -20.75 -12.23
N ASP E 120 7.59 -19.96 -11.63
CA ASP E 120 7.04 -18.76 -12.26
C ASP E 120 7.20 -17.58 -11.33
N GLY E 121 7.95 -16.58 -11.75
CA GLY E 121 8.19 -15.43 -10.90
C GLY E 121 8.37 -14.10 -11.59
N LYS E 122 8.79 -13.13 -10.78
CA LYS E 122 9.16 -11.81 -11.23
C LYS E 122 10.42 -11.43 -10.49
N ALA E 123 11.37 -10.81 -11.17
CA ALA E 123 12.52 -10.23 -10.48
C ALA E 123 12.49 -8.70 -10.42
N THR E 124 13.15 -8.13 -9.41
CA THR E 124 13.39 -6.70 -9.36
C THR E 124 14.87 -6.51 -9.16
N VAL E 125 15.49 -5.68 -10.01
CA VAL E 125 16.93 -5.46 -9.95
C VAL E 125 17.22 -3.99 -9.85
N ALA E 126 18.14 -3.62 -8.97
CA ALA E 126 18.58 -2.23 -8.95
C ALA E 126 20.09 -2.17 -8.90
N TYR E 127 20.68 -1.11 -9.45
CA TYR E 127 22.10 -0.85 -9.25
C TYR E 127 22.37 0.65 -9.24
N ILE E 128 23.48 1.03 -8.62
CA ILE E 128 23.95 2.40 -8.75
C ILE E 128 25.11 2.45 -9.73
N PRO E 129 24.89 3.08 -10.90
CA PRO E 129 25.93 3.10 -11.91
C PRO E 129 27.13 3.81 -11.36
N LYS E 130 28.29 3.23 -11.62
CA LYS E 130 29.55 3.83 -11.29
C LYS E 130 30.06 4.47 -12.57
N ASP E 131 30.81 3.71 -13.38
CA ASP E 131 31.37 4.28 -14.60
C ASP E 131 30.47 4.11 -15.81
N SER E 132 29.55 3.15 -15.75
CA SER E 132 28.83 2.79 -16.95
C SER E 132 27.36 2.59 -16.70
N VAL E 133 26.60 2.73 -17.77
CA VAL E 133 25.17 2.57 -17.68
C VAL E 133 24.79 1.48 -18.65
N ILE E 134 24.31 0.36 -18.13
CA ILE E 134 23.97 -0.78 -18.98
C ILE E 134 22.67 -0.50 -19.72
N GLY E 135 22.55 -1.05 -20.91
CA GLY E 135 21.29 -1.01 -21.60
C GLY E 135 20.27 -1.75 -20.77
N LEU E 136 19.06 -1.19 -20.66
CA LEU E 136 18.03 -1.76 -19.76
C LEU E 136 17.72 -3.22 -20.06
N SER E 137 17.47 -3.52 -21.33
CA SER E 137 16.99 -4.84 -21.69
C SER E 137 18.01 -5.95 -21.39
N LYS E 138 19.25 -5.56 -21.14
CA LYS E 138 20.29 -6.54 -20.82
C LYS E 138 20.11 -7.02 -19.39
N ILE E 139 19.45 -6.20 -18.56
CA ILE E 139 19.16 -6.62 -17.21
C ILE E 139 18.14 -7.76 -17.27
N ASN E 140 17.06 -7.57 -18.02
CA ASN E 140 16.09 -8.65 -18.25
C ASN E 140 16.78 -9.92 -18.81
N ARG E 141 17.71 -9.74 -19.74
N ARG E 141 17.71 -9.74 -19.74
CA ARG E 141 18.34 -10.88 -20.40
CA ARG E 141 18.35 -10.87 -20.41
C ARG E 141 19.26 -11.67 -19.47
C ARG E 141 19.24 -11.68 -19.45
N ILE E 142 19.97 -10.98 -18.59
CA ILE E 142 20.79 -11.66 -17.59
C ILE E 142 19.97 -12.46 -16.59
N VAL E 143 18.83 -11.91 -16.19
CA VAL E 143 17.95 -12.58 -15.27
C VAL E 143 17.45 -13.88 -15.89
N GLN E 144 17.01 -13.81 -17.15
N GLN E 144 16.99 -13.82 -17.15
CA GLN E 144 16.44 -14.97 -17.80
CA GLN E 144 16.45 -15.00 -17.81
C GLN E 144 17.50 -15.96 -18.31
C GLN E 144 17.52 -16.01 -18.20
N PHE E 145 18.76 -15.55 -18.34
CA PHE E 145 19.85 -16.44 -18.70
C PHE E 145 20.03 -17.42 -17.55
N PHE E 146 20.19 -16.88 -16.36
CA PHE E 146 20.33 -17.70 -15.15
C PHE E 146 19.07 -18.49 -14.76
N ALA E 147 17.91 -18.00 -15.17
CA ALA E 147 16.67 -18.70 -14.88
C ALA E 147 16.49 -19.95 -15.74
N GLN E 148 17.06 -19.95 -16.94
CA GLN E 148 16.92 -21.09 -17.83
C GLN E 148 17.93 -22.13 -17.43
N ARG E 149 17.87 -22.54 -16.17
CA ARG E 149 18.64 -23.67 -15.68
C ARG E 149 17.78 -24.35 -14.64
N PRO E 150 18.10 -25.61 -14.32
CA PRO E 150 17.49 -26.17 -13.13
C PRO E 150 18.00 -25.36 -11.98
N GLN E 151 17.10 -24.84 -11.17
CA GLN E 151 17.53 -23.97 -10.10
C GLN E 151 16.98 -24.26 -8.72
N VAL E 152 17.65 -23.63 -7.78
CA VAL E 152 17.16 -23.40 -6.44
C VAL E 152 17.10 -21.86 -6.32
N GLN E 153 15.93 -21.34 -5.91
CA GLN E 153 15.68 -19.90 -5.95
C GLN E 153 16.75 -19.05 -5.27
N GLU E 154 17.22 -19.55 -4.13
CA GLU E 154 18.27 -18.92 -3.36
C GLU E 154 19.57 -18.80 -4.10
N ARG E 155 19.89 -19.81 -4.91
CA ARG E 155 21.13 -19.79 -5.70
C ARG E 155 20.97 -18.88 -6.90
N LEU E 156 19.83 -19.02 -7.57
CA LEU E 156 19.57 -18.22 -8.76
C LEU E 156 19.74 -16.72 -8.47
N THR E 157 19.22 -16.28 -7.33
CA THR E 157 19.27 -14.88 -6.94
C THR E 157 20.70 -14.37 -6.69
N GLN E 158 21.51 -15.20 -6.05
CA GLN E 158 22.92 -14.92 -5.80
C GLN E 158 23.72 -14.87 -7.10
N GLN E 159 23.40 -15.77 -8.04
CA GLN E 159 24.07 -15.81 -9.34
C GLN E 159 23.80 -14.55 -10.12
N ILE E 160 22.55 -14.10 -10.17
CA ILE E 160 22.21 -12.88 -10.93
C ILE E 160 22.96 -11.68 -10.35
N LEU E 161 23.04 -11.65 -9.03
CA LEU E 161 23.71 -10.56 -8.32
C LEU E 161 25.21 -10.48 -8.65
N LEU E 162 25.94 -11.58 -8.54
CA LEU E 162 27.37 -11.56 -8.81
C LEU E 162 27.66 -11.22 -10.29
N ALA E 163 26.83 -11.75 -11.19
CA ALA E 163 27.02 -11.53 -12.61
C ALA E 163 26.89 -10.05 -12.98
N LEU E 164 25.84 -9.41 -12.48
CA LEU E 164 25.63 -7.99 -12.71
C LEU E 164 26.75 -7.17 -12.08
N GLN E 165 27.17 -7.52 -10.87
CA GLN E 165 28.25 -6.81 -10.22
C GLN E 165 29.52 -6.84 -11.09
N THR E 166 29.76 -7.99 -11.68
CA THR E 166 30.94 -8.24 -12.49
C THR E 166 30.89 -7.43 -13.78
N LEU E 167 29.73 -7.41 -14.41
CA LEU E 167 29.56 -6.70 -15.67
C LEU E 167 29.51 -5.21 -15.50
N LEU E 168 29.05 -4.74 -14.35
CA LEU E 168 28.83 -3.31 -14.16
C LEU E 168 30.02 -2.65 -13.50
N GLY E 169 30.96 -3.45 -13.00
CA GLY E 169 32.14 -2.89 -12.36
C GLY E 169 31.82 -2.13 -11.09
N THR E 170 30.76 -2.54 -10.41
CA THR E 170 30.40 -1.99 -9.10
C THR E 170 29.78 -3.07 -8.23
N ASN E 171 30.03 -3.02 -6.92
CA ASN E 171 29.31 -3.92 -6.00
C ASN E 171 27.88 -3.49 -5.66
N ASN E 172 27.49 -2.29 -6.09
CA ASN E 172 26.20 -1.73 -5.70
C ASN E 172 25.07 -2.20 -6.58
N VAL E 173 24.58 -3.38 -6.27
CA VAL E 173 23.55 -4.06 -7.04
C VAL E 173 22.69 -4.79 -6.03
N ALA E 174 21.39 -4.93 -6.33
CA ALA E 174 20.47 -5.64 -5.44
C ALA E 174 19.52 -6.44 -6.31
N VAL E 175 19.18 -7.66 -5.88
CA VAL E 175 18.29 -8.49 -6.67
C VAL E 175 17.23 -9.06 -5.75
N SER E 176 15.96 -8.96 -6.15
CA SER E 176 14.89 -9.62 -5.40
C SER E 176 14.05 -10.41 -6.37
N ILE E 177 13.68 -11.61 -5.97
CA ILE E 177 12.85 -12.44 -6.81
C ILE E 177 11.66 -12.94 -5.98
N ASP E 178 10.46 -12.82 -6.56
CA ASP E 178 9.23 -13.35 -5.93
C ASP E 178 8.65 -14.40 -6.88
N ALA E 179 8.43 -15.61 -6.40
CA ALA E 179 8.06 -16.71 -7.30
C ALA E 179 7.13 -17.79 -6.72
N VAL E 180 6.30 -18.38 -7.60
CA VAL E 180 5.47 -19.55 -7.29
C VAL E 180 6.19 -20.77 -7.85
N HIS E 181 6.37 -21.79 -7.01
CA HIS E 181 6.99 -23.05 -7.41
C HIS E 181 5.90 -24.06 -7.57
N TYR E 182 5.77 -24.60 -8.77
CA TYR E 182 4.81 -25.67 -8.95
C TYR E 182 5.19 -26.99 -8.26
N CYS E 183 6.41 -27.10 -7.76
N CYS E 183 6.44 -27.07 -7.78
CA CYS E 183 6.74 -28.29 -6.94
CA CYS E 183 6.88 -28.18 -6.92
C CYS E 183 6.09 -28.20 -5.55
C CYS E 183 6.05 -28.22 -5.62
N VAL E 184 5.44 -27.08 -5.27
CA VAL E 184 4.70 -26.83 -4.01
C VAL E 184 3.19 -26.73 -4.26
N LYS E 185 2.83 -26.10 -5.38
CA LYS E 185 1.45 -25.87 -5.80
C LYS E 185 0.75 -27.07 -6.49
N ALA E 186 1.46 -27.78 -7.37
CA ALA E 186 0.80 -28.75 -8.24
C ALA E 186 1.04 -30.18 -7.73
N ARG E 187 1.79 -30.28 -6.64
CA ARG E 187 2.35 -31.53 -6.17
C ARG E 187 2.52 -31.48 -4.64
N GLY E 188 2.55 -32.65 -4.00
CA GLY E 188 2.76 -32.76 -2.57
C GLY E 188 1.74 -32.02 -1.72
N ILE E 189 2.17 -30.98 -1.01
CA ILE E 189 1.28 -30.21 -0.14
C ILE E 189 0.18 -29.45 -0.93
N ARG E 190 0.44 -29.19 -2.21
CA ARG E 190 -0.50 -28.48 -3.08
C ARG E 190 -1.04 -27.16 -2.53
N ASP E 191 -0.13 -26.36 -1.99
CA ASP E 191 -0.49 -25.05 -1.50
C ASP E 191 -0.68 -24.08 -2.68
N ALA E 192 -1.94 -23.75 -2.94
CA ALA E 192 -2.36 -22.96 -4.10
C ALA E 192 -2.13 -21.45 -3.96
N THR E 193 -1.77 -20.99 -2.77
CA THR E 193 -1.69 -19.56 -2.52
C THR E 193 -0.29 -19.02 -2.21
N SER E 194 0.64 -19.88 -1.80
CA SER E 194 1.94 -19.39 -1.31
C SER E 194 2.94 -18.98 -2.40
N ALA E 195 3.90 -18.13 -2.03
CA ALA E 195 4.96 -17.74 -2.95
C ALA E 195 6.16 -17.50 -2.09
N THR E 196 7.31 -17.45 -2.74
CA THR E 196 8.59 -17.38 -2.04
C THR E 196 9.37 -16.14 -2.54
N THR E 197 9.89 -15.37 -1.59
CA THR E 197 10.74 -14.23 -1.92
C THR E 197 12.13 -14.42 -1.42
N THR E 198 13.11 -14.13 -2.27
CA THR E 198 14.52 -14.17 -1.93
C THR E 198 15.17 -12.87 -2.35
N THR E 199 16.16 -12.45 -1.60
CA THR E 199 16.83 -11.20 -1.93
C THR E 199 18.34 -11.34 -1.75
N SER E 200 19.10 -10.83 -2.73
CA SER E 200 20.55 -10.73 -2.61
C SER E 200 20.97 -9.27 -2.79
N LEU E 201 21.68 -8.74 -1.80
CA LEU E 201 22.01 -7.32 -1.72
C LEU E 201 23.51 -7.11 -1.67
N GLY E 202 24.05 -6.28 -2.57
CA GLY E 202 25.49 -6.05 -2.59
C GLY E 202 25.90 -4.60 -2.34
N GLY E 203 27.15 -4.42 -1.92
CA GLY E 203 27.66 -3.11 -1.59
C GLY E 203 26.71 -2.31 -0.71
N LEU E 204 26.38 -1.08 -1.14
CA LEU E 204 25.55 -0.18 -0.36
C LEU E 204 24.17 -0.74 -0.07
N PHE E 205 23.65 -1.56 -0.98
CA PHE E 205 22.36 -2.18 -0.73
C PHE E 205 22.42 -3.10 0.47
N LYS E 206 23.61 -3.59 0.84
CA LYS E 206 23.66 -4.46 2.02
C LYS E 206 23.95 -3.66 3.25
N SER E 207 24.75 -2.63 3.10
CA SER E 207 25.44 -2.05 4.23
C SER E 207 24.81 -0.74 4.64
N SER E 208 24.48 0.08 3.65
CA SER E 208 23.81 1.38 3.81
C SER E 208 22.30 1.22 4.06
N GLN E 209 21.86 1.53 5.27
CA GLN E 209 20.45 1.36 5.64
C GLN E 209 19.48 2.20 4.78
N ASN E 210 19.82 3.44 4.46
N ASN E 210 19.86 3.45 4.55
CA ASN E 210 18.94 4.14 3.54
CA ASN E 210 19.29 4.31 3.53
C ASN E 210 18.92 3.55 2.12
C ASN E 210 18.99 3.51 2.26
N THR E 211 20.07 3.16 1.57
CA THR E 211 20.01 2.51 0.25
C THR E 211 19.26 1.17 0.32
N ARG E 212 19.59 0.37 1.34
CA ARG E 212 18.91 -0.90 1.61
C ARG E 212 17.41 -0.74 1.82
N GLN E 213 16.99 0.20 2.66
CA GLN E 213 15.54 0.35 2.90
C GLN E 213 14.82 0.88 1.66
N GLU E 214 15.46 1.79 0.90
CA GLU E 214 14.88 2.35 -0.31
C GLU E 214 14.59 1.29 -1.34
N PHE E 215 15.54 0.37 -1.50
CA PHE E 215 15.33 -0.77 -2.37
C PHE E 215 14.21 -1.66 -1.88
N LEU E 216 14.32 -2.11 -0.63
CA LEU E 216 13.36 -3.02 -0.04
C LEU E 216 11.96 -2.42 0.09
N ARG E 217 11.89 -1.13 0.42
CA ARG E 217 10.59 -0.49 0.49
C ARG E 217 9.96 -0.46 -0.88
N ALA E 218 10.79 -0.28 -1.90
CA ALA E 218 10.29 -0.18 -3.26
C ALA E 218 9.71 -1.51 -3.74
N VAL E 219 10.37 -2.61 -3.40
CA VAL E 219 9.92 -3.92 -3.85
C VAL E 219 8.49 -4.22 -3.45
N ARG E 220 8.23 -4.09 -2.14
CA ARG E 220 6.91 -4.33 -1.54
C ARG E 220 5.78 -3.50 -2.17
N HIS E 221 6.08 -2.25 -2.51
CA HIS E 221 5.07 -1.35 -3.05
C HIS E 221 5.09 -1.32 -4.57
#